data_6Z52
#
_entry.id   6Z52
#
_cell.length_a   62.168
_cell.length_b   116.909
_cell.length_c   71.161
_cell.angle_alpha   90.000
_cell.angle_beta   93.150
_cell.angle_gamma   90.000
#
_symmetry.space_group_name_H-M   'P 1 21 1'
#
loop_
_entity.id
_entity.type
_entity.pdbx_description
1 polymer 'Dual specificity protein kinase CLK3'
2 non-polymer 1,2-ETHANEDIOL
3 non-polymer 'CHLORIDE ION'
4 non-polymer 'IODIDE ION'
5 non-polymer 11,15-dimethyl-6-(4-methylpiperazin-1-yl)-8-oxa-2,11,15,19,21,23-hexazatetracyclo[15.6.1.13,7.020,24]pentacosa-1(23),3(25),4,6,17,20(24),21-heptaen-10-one
6 water water
#
_entity_poly.entity_id   1
_entity_poly.type   'polypeptide(L)'
_entity_poly.pdbx_seq_one_letter_code
;SMQSSKRSSRSVEDDKEGHLVCRIGDWLQERYEIVGNLGEGTFGKVVECLDHARGKSQVALKIIRNVGKYREAARLEINV
LKKIKEKDKENKFLCVLMSDWFNFHGHMCIAFELLGKNTFEFLKENNFQPYPLPHVRHMAYQLCHALRFLHENQLTHTDL
KPENILFVNSEFETLYNEHKSCEEKSVKNTSIRVADFGSATFDHEHHTTIVATRHYRPPEVILELGWAQPCDVWSIGCIL
FEYYRGFTLFQTHENREHLVMMEKILGPIPSHMIHRTRKQKYFYKGGLVWDENSSDGRYVKENCKPLKSYMLQDSLEHVQ
LFDLMRRMLEFDPAQRITLAEALLHPFFAGLTPEERSFHT
;
_entity_poly.pdbx_strand_id   A,B
#
loop_
_chem_comp.id
_chem_comp.type
_chem_comp.name
_chem_comp.formula
CL non-polymer 'CHLORIDE ION' 'Cl -1'
EDO non-polymer 1,2-ETHANEDIOL 'C2 H6 O2'
IOD non-polymer 'IODIDE ION' 'I -1'
Q8T non-polymer 11,15-dimethyl-6-(4-methylpiperazin-1-yl)-8-oxa-2,11,15,19,21,23-hexazatetracyclo[15.6.1.13,7.020,24]pentacosa-1(23),3(25),4,6,17,20(24),21-heptaen-10-one 'C25 H34 N8 O2'
#
# COMPACT_ATOMS: atom_id res chain seq x y z
N SER A 5 17.88 -15.89 12.02
CA SER A 5 16.90 -16.42 11.00
C SER A 5 16.58 -15.44 9.84
N LYS A 6 17.02 -14.19 9.97
CA LYS A 6 16.86 -13.19 8.91
C LYS A 6 17.55 -13.64 7.61
N ARG A 7 16.95 -13.33 6.47
CA ARG A 7 17.54 -13.65 5.18
C ARG A 7 18.52 -12.56 4.67
N SER A 8 19.74 -12.96 4.36
CA SER A 8 20.72 -12.06 3.73
C SER A 8 20.31 -11.86 2.26
N SER A 9 20.73 -10.77 1.62
CA SER A 9 20.33 -10.56 0.19
C SER A 9 21.04 -11.54 -0.72
N ARG A 10 22.13 -12.12 -0.21
CA ARG A 10 22.75 -13.26 -0.85
C ARG A 10 21.78 -14.45 -0.92
N SER A 11 21.01 -14.63 0.15
CA SER A 11 19.96 -15.66 0.24
C SER A 11 18.87 -15.53 -0.80
N VAL A 12 18.65 -14.32 -1.28
CA VAL A 12 17.48 -14.05 -2.08
C VAL A 12 17.85 -14.13 -3.55
N GLU A 13 17.16 -15.00 -4.28
CA GLU A 13 17.38 -15.21 -5.70
C GLU A 13 16.05 -15.11 -6.43
N ASP A 14 16.07 -14.49 -7.61
CA ASP A 14 14.91 -14.33 -8.49
C ASP A 14 15.22 -14.92 -9.86
N ASP A 15 14.27 -15.57 -10.50
CA ASP A 15 14.48 -15.97 -11.91
C ASP A 15 14.24 -14.84 -12.93
N LYS A 16 14.56 -15.10 -14.19
CA LYS A 16 14.33 -14.14 -15.30
C LYS A 16 13.00 -13.34 -15.24
N GLU A 17 11.89 -13.97 -14.83
CA GLU A 17 10.56 -13.27 -14.83
C GLU A 17 10.17 -12.55 -13.52
N GLY A 18 11.02 -12.63 -12.51
CA GLY A 18 10.85 -11.86 -11.28
C GLY A 18 10.30 -12.67 -10.11
N HIS A 19 10.23 -14.00 -10.29
CA HIS A 19 9.65 -14.87 -9.30
C HIS A 19 10.70 -15.16 -8.29
N LEU A 20 10.30 -15.26 -7.02
CA LEU A 20 11.22 -15.68 -5.95
C LEU A 20 11.55 -17.17 -6.08
N VAL A 21 12.82 -17.55 -5.90
CA VAL A 21 13.17 -18.97 -5.77
C VAL A 21 12.92 -19.41 -4.31
N CYS A 22 11.98 -20.34 -4.14
CA CYS A 22 11.64 -20.89 -2.84
C CYS A 22 11.93 -22.39 -2.80
N ARG A 23 12.45 -22.84 -1.66
CA ARG A 23 12.68 -24.26 -1.42
C ARG A 23 12.06 -24.64 -0.11
N ILE A 24 11.67 -25.90 0.00
CA ILE A 24 11.21 -26.41 1.29
C ILE A 24 12.31 -26.15 2.30
N GLY A 25 11.96 -25.54 3.43
CA GLY A 25 12.94 -25.20 4.46
C GLY A 25 13.23 -23.71 4.53
N ASP A 26 13.03 -22.97 3.44
CA ASP A 26 13.30 -21.52 3.43
C ASP A 26 12.43 -20.79 4.43
N TRP A 27 12.95 -19.67 4.92
CA TRP A 27 12.25 -18.77 5.84
C TRP A 27 11.97 -17.41 5.26
N LEU A 28 10.84 -16.81 5.62
CA LEU A 28 10.55 -15.41 5.27
C LEU A 28 10.22 -14.58 6.53
N GLN A 29 10.68 -13.34 6.56
CA GLN A 29 10.47 -12.41 7.70
C GLN A 29 10.73 -12.94 9.08
N GLU A 30 11.55 -13.97 9.20
CA GLU A 30 11.85 -14.58 10.50
C GLU A 30 10.56 -15.09 11.20
N ARG A 31 9.64 -15.66 10.43
CA ARG A 31 8.33 -16.02 10.95
C ARG A 31 7.70 -17.16 10.16
N TYR A 32 7.84 -17.13 8.84
CA TYR A 32 7.22 -18.11 8.00
C TYR A 32 8.22 -19.10 7.43
N GLU A 33 7.94 -20.38 7.62
CA GLU A 33 8.75 -21.48 7.09
C GLU A 33 8.03 -22.24 5.99
N ILE A 34 8.59 -22.19 4.80
CA ILE A 34 7.99 -22.82 3.66
C ILE A 34 7.96 -24.34 3.83
N VAL A 35 6.79 -24.94 3.68
CA VAL A 35 6.65 -26.40 3.71
C VAL A 35 6.18 -27.04 2.41
N GLY A 36 5.57 -26.28 1.52
CA GLY A 36 5.18 -26.79 0.21
C GLY A 36 4.92 -25.70 -0.79
N ASN A 37 4.87 -26.07 -2.08
CA ASN A 37 4.45 -25.16 -3.14
C ASN A 37 2.98 -25.47 -3.55
N LEU A 38 2.11 -24.46 -3.53
CA LEU A 38 0.68 -24.66 -3.81
C LEU A 38 0.28 -24.32 -5.25
N GLY A 39 0.92 -23.35 -5.88
CA GLY A 39 0.75 -23.12 -7.31
C GLY A 39 1.42 -21.85 -7.76
N GLU A 40 1.40 -21.60 -9.07
CA GLU A 40 1.94 -20.38 -9.65
C GLU A 40 0.93 -19.74 -10.56
N GLY A 41 1.21 -18.51 -10.96
CA GLY A 41 0.29 -17.69 -11.74
C GLY A 41 1.12 -16.58 -12.35
N THR A 42 0.52 -15.80 -13.24
CA THR A 42 1.23 -14.69 -13.84
C THR A 42 1.56 -13.62 -12.81
N PHE A 43 0.82 -13.58 -11.71
CA PHE A 43 1.12 -12.64 -10.57
C PHE A 43 2.35 -13.00 -9.69
N GLY A 44 2.74 -14.27 -9.69
CA GLY A 44 3.65 -14.80 -8.65
C GLY A 44 3.34 -16.25 -8.28
N LYS A 45 3.47 -16.59 -7.00
CA LYS A 45 3.27 -17.98 -6.59
C LYS A 45 2.58 -18.07 -5.24
N VAL A 46 2.14 -19.26 -4.88
CA VAL A 46 1.42 -19.43 -3.66
C VAL A 46 2.13 -20.58 -2.96
N VAL A 47 2.63 -20.34 -1.76
CA VAL A 47 3.30 -21.38 -1.04
C VAL A 47 2.60 -21.59 0.26
N GLU A 48 2.76 -22.79 0.77
CA GLU A 48 2.27 -23.15 2.10
C GLU A 48 3.37 -23.01 3.10
N CYS A 49 3.05 -22.33 4.19
CA CYS A 49 4.00 -22.03 5.26
C CYS A 49 3.44 -22.42 6.59
N LEU A 50 4.35 -22.62 7.55
CA LEU A 50 4.00 -22.67 8.98
C LEU A 50 4.33 -21.31 9.63
N ASP A 51 3.38 -20.71 10.34
CA ASP A 51 3.60 -19.43 11.00
C ASP A 51 4.11 -19.64 12.42
N HIS A 52 5.42 -19.50 12.62
CA HIS A 52 6.02 -19.78 13.95
C HIS A 52 5.64 -18.78 15.02
N ALA A 53 5.23 -17.57 14.62
CA ALA A 53 4.78 -16.55 15.56
C ALA A 53 3.32 -16.68 16.01
N ARG A 54 2.64 -17.74 15.57
CA ARG A 54 1.24 -18.01 15.90
C ARG A 54 1.13 -19.50 16.12
N GLY A 55 2.09 -20.08 16.84
CA GLY A 55 2.04 -21.49 17.23
C GLY A 55 2.16 -22.51 16.10
N LYS A 56 2.86 -22.14 15.03
CA LYS A 56 3.10 -23.01 13.87
C LYS A 56 1.87 -23.35 13.04
N SER A 57 0.84 -22.52 13.09
CA SER A 57 -0.35 -22.82 12.25
C SER A 57 0.00 -22.68 10.75
N GLN A 58 -0.79 -23.34 9.91
CA GLN A 58 -0.63 -23.32 8.46
C GLN A 58 -1.16 -22.02 7.82
N VAL A 59 -0.42 -21.52 6.84
CA VAL A 59 -0.84 -20.38 6.08
C VAL A 59 -0.50 -20.63 4.62
N ALA A 60 -1.29 -20.03 3.73
CA ALA A 60 -0.92 -19.95 2.34
C ALA A 60 -0.36 -18.55 2.22
N LEU A 61 0.84 -18.47 1.62
CA LEU A 61 1.49 -17.20 1.35
C LEU A 61 1.47 -16.96 -0.15
N LYS A 62 0.90 -15.81 -0.51
CA LYS A 62 0.93 -15.33 -1.88
C LYS A 62 2.13 -14.43 -2.05
N ILE A 63 3.07 -14.84 -2.88
CA ILE A 63 4.34 -14.14 -3.09
C ILE A 63 4.34 -13.50 -4.48
N ILE A 64 4.22 -12.18 -4.50
CA ILE A 64 4.07 -11.40 -5.74
CA ILE A 64 4.05 -11.49 -5.77
C ILE A 64 5.41 -11.22 -6.44
N ARG A 65 5.42 -11.29 -7.79
CA ARG A 65 6.65 -11.06 -8.56
C ARG A 65 7.27 -9.70 -8.26
N ASN A 66 8.60 -9.66 -8.22
CA ASN A 66 9.37 -8.44 -8.06
C ASN A 66 9.47 -7.67 -9.39
N VAL A 67 8.32 -7.18 -9.86
CA VAL A 67 8.24 -6.33 -11.05
C VAL A 67 7.32 -5.16 -10.70
N GLY A 68 7.67 -3.95 -11.10
CA GLY A 68 6.94 -2.73 -10.64
C GLY A 68 5.42 -2.81 -10.73
N LYS A 69 4.92 -3.20 -11.88
CA LYS A 69 3.48 -3.24 -12.16
C LYS A 69 2.70 -4.24 -11.29
N TYR A 70 3.33 -5.37 -11.06
CA TYR A 70 2.83 -6.36 -10.12
C TYR A 70 2.87 -5.81 -8.68
N ARG A 71 3.98 -5.19 -8.28
CA ARG A 71 4.13 -4.70 -6.93
C ARG A 71 3.06 -3.64 -6.64
N GLU A 72 2.92 -2.68 -7.56
CA GLU A 72 1.89 -1.61 -7.43
C GLU A 72 0.48 -2.16 -7.27
N ALA A 73 0.07 -3.06 -8.15
CA ALA A 73 -1.20 -3.73 -8.02
C ALA A 73 -1.37 -4.39 -6.63
N ALA A 74 -0.34 -5.05 -6.14
CA ALA A 74 -0.43 -5.75 -4.85
C ALA A 74 -0.77 -4.77 -3.73
N ARG A 75 -0.21 -3.56 -3.81
CA ARG A 75 -0.48 -2.56 -2.78
C ARG A 75 -1.98 -2.13 -2.72
N LEU A 76 -2.65 -2.10 -3.85
CA LEU A 76 -4.09 -1.82 -3.86
C LEU A 76 -4.88 -3.00 -3.34
N GLU A 77 -4.42 -4.24 -3.65
CA GLU A 77 -5.08 -5.43 -3.17
C GLU A 77 -5.04 -5.44 -1.67
N ILE A 78 -3.90 -5.12 -1.07
CA ILE A 78 -3.80 -5.04 0.40
C ILE A 78 -4.82 -4.06 1.05
N ASN A 79 -5.02 -2.90 0.40
CA ASN A 79 -6.00 -1.87 0.87
C ASN A 79 -7.38 -2.50 0.88
N VAL A 80 -7.74 -3.21 -0.20
CA VAL A 80 -9.04 -3.86 -0.28
C VAL A 80 -9.19 -4.92 0.82
N LEU A 81 -8.14 -5.72 0.98
CA LEU A 81 -8.14 -6.78 1.98
C LEU A 81 -8.23 -6.22 3.42
N LYS A 82 -7.60 -5.08 3.66
CA LYS A 82 -7.69 -4.44 4.94
C LYS A 82 -9.12 -3.98 5.24
N LYS A 83 -9.78 -3.41 4.25
CA LYS A 83 -11.15 -2.95 4.36
C LYS A 83 -12.08 -4.11 4.71
N ILE A 84 -11.88 -5.22 4.04
CA ILE A 84 -12.68 -6.42 4.25
C ILE A 84 -12.53 -6.93 5.66
N LYS A 85 -11.31 -6.86 6.18
CA LYS A 85 -10.99 -7.44 7.48
C LYS A 85 -11.61 -6.55 8.56
N GLU A 86 -11.46 -5.23 8.42
CA GLU A 86 -12.11 -4.26 9.33
C GLU A 86 -13.64 -4.35 9.31
N LYS A 87 -14.27 -4.66 8.16
CA LYS A 87 -15.77 -4.75 8.10
C LYS A 87 -16.35 -6.13 8.41
N ASP A 88 -15.52 -7.16 8.49
CA ASP A 88 -16.00 -8.51 8.80
C ASP A 88 -15.32 -8.95 10.08
N LYS A 89 -15.57 -8.24 11.17
CA LYS A 89 -14.98 -8.56 12.48
C LYS A 89 -15.28 -10.01 12.85
N GLU A 90 -16.53 -10.43 12.69
CA GLU A 90 -16.98 -11.77 13.09
C GLU A 90 -16.72 -12.90 12.11
N ASN A 91 -16.00 -12.64 11.03
CA ASN A 91 -15.59 -13.69 10.10
C ASN A 91 -16.76 -14.46 9.45
N LYS A 92 -17.78 -13.75 8.97
CA LYS A 92 -18.95 -14.44 8.46
C LYS A 92 -19.29 -14.15 6.99
N PHE A 93 -18.50 -13.33 6.30
CA PHE A 93 -18.87 -12.90 4.92
C PHE A 93 -18.11 -13.57 3.78
N LEU A 94 -17.23 -14.53 4.13
CA LEU A 94 -16.69 -15.50 3.19
C LEU A 94 -15.73 -14.94 2.13
N CYS A 95 -15.21 -13.77 2.39
CA CYS A 95 -14.14 -13.22 1.57
C CYS A 95 -12.86 -13.46 2.36
N VAL A 96 -11.81 -13.96 1.71
CA VAL A 96 -10.63 -14.43 2.45
C VAL A 96 -10.11 -13.34 3.37
N LEU A 97 -9.60 -13.73 4.53
CA LEU A 97 -9.19 -12.72 5.52
C LEU A 97 -7.66 -12.72 5.63
N MET A 98 -7.05 -11.62 5.26
CA MET A 98 -5.61 -11.48 5.33
C MET A 98 -5.19 -11.61 6.83
N SER A 99 -4.13 -12.36 7.16
CA SER A 99 -3.55 -12.25 8.55
C SER A 99 -2.31 -11.38 8.66
N ASP A 100 -1.62 -11.14 7.54
CA ASP A 100 -0.38 -10.36 7.52
C ASP A 100 -0.04 -9.99 6.08
N TRP A 101 0.81 -9.00 5.93
CA TRP A 101 1.43 -8.70 4.67
C TRP A 101 2.76 -8.05 4.84
N PHE A 102 3.62 -8.19 3.86
CA PHE A 102 4.96 -7.61 3.97
C PHE A 102 5.64 -7.52 2.63
N ASN A 103 6.77 -6.81 2.63
CA ASN A 103 7.59 -6.63 1.47
C ASN A 103 8.85 -7.40 1.78
N PHE A 104 9.05 -8.50 1.06
CA PHE A 104 10.28 -9.31 1.18
C PHE A 104 11.18 -8.97 -0.01
N HIS A 105 12.12 -8.06 0.16
CA HIS A 105 13.07 -7.70 -0.92
C HIS A 105 12.40 -7.37 -2.24
N GLY A 106 11.25 -6.70 -2.19
CA GLY A 106 10.55 -6.30 -3.43
C GLY A 106 9.42 -7.20 -3.88
N HIS A 107 9.29 -8.36 -3.27
CA HIS A 107 8.10 -9.22 -3.43
C HIS A 107 7.14 -8.89 -2.36
N MET A 108 5.97 -8.37 -2.72
CA MET A 108 4.91 -8.19 -1.74
C MET A 108 4.36 -9.59 -1.40
N CYS A 109 4.16 -9.84 -0.12
CA CYS A 109 3.69 -11.13 0.35
C CYS A 109 2.44 -10.90 1.15
N ILE A 110 1.44 -11.72 0.89
CA ILE A 110 0.23 -11.68 1.68
C ILE A 110 -0.07 -13.04 2.28
N ALA A 111 -0.36 -13.09 3.58
CA ALA A 111 -0.65 -14.34 4.28
C ALA A 111 -2.14 -14.51 4.54
N PHE A 112 -2.61 -15.73 4.26
CA PHE A 112 -3.99 -16.15 4.43
C PHE A 112 -4.04 -17.51 5.07
N GLU A 113 -5.24 -17.86 5.54
CA GLU A 113 -5.56 -19.24 5.95
C GLU A 113 -5.37 -20.23 4.78
N LEU A 114 -4.98 -21.47 5.12
CA LEU A 114 -4.88 -22.52 4.15
C LEU A 114 -6.24 -23.01 3.75
N LEU A 115 -6.50 -23.01 2.45
CA LEU A 115 -7.76 -23.46 1.89
C LEU A 115 -7.47 -24.63 0.95
N GLY A 116 -8.52 -25.28 0.44
CA GLY A 116 -8.39 -26.33 -0.59
C GLY A 116 -8.38 -25.82 -2.02
N LYS A 117 -8.76 -26.66 -2.96
CA LYS A 117 -8.63 -26.39 -4.36
C LYS A 117 -9.63 -25.34 -4.81
N ASN A 118 -9.25 -24.60 -5.85
CA ASN A 118 -10.19 -23.68 -6.54
C ASN A 118 -11.23 -24.46 -7.34
N THR A 119 -12.43 -23.87 -7.48
CA THR A 119 -13.59 -24.52 -8.06
C THR A 119 -13.35 -24.90 -9.51
N PHE A 120 -12.42 -24.21 -10.17
CA PHE A 120 -12.08 -24.56 -11.57
C PHE A 120 -11.16 -25.77 -11.62
N GLU A 121 -10.11 -25.76 -10.81
CA GLU A 121 -9.17 -26.93 -10.73
C GLU A 121 -9.95 -28.21 -10.34
N PHE A 122 -10.82 -28.13 -9.34
CA PHE A 122 -11.69 -29.26 -8.97
C PHE A 122 -12.58 -29.75 -10.12
N LEU A 123 -13.19 -28.81 -10.84
CA LEU A 123 -14.02 -29.14 -12.00
C LEU A 123 -13.20 -29.89 -13.12
N LYS A 124 -12.03 -29.38 -13.43
CA LYS A 124 -11.08 -30.03 -14.34
C LYS A 124 -10.62 -31.46 -13.90
N GLU A 125 -10.23 -31.62 -12.62
CA GLU A 125 -9.83 -32.92 -12.09
C GLU A 125 -11.02 -33.89 -12.07
N ASN A 126 -12.24 -33.35 -12.24
CA ASN A 126 -13.42 -34.20 -12.38
C ASN A 126 -13.78 -34.40 -13.87
N ASN A 127 -12.81 -34.18 -14.77
CA ASN A 127 -13.02 -34.20 -16.24
C ASN A 127 -14.23 -33.36 -16.70
N PHE A 128 -14.42 -32.20 -16.07
CA PHE A 128 -15.43 -31.20 -16.46
C PHE A 128 -16.85 -31.74 -16.31
N GLN A 129 -17.01 -32.75 -15.47
CA GLN A 129 -18.35 -33.19 -15.08
CA GLN A 129 -18.34 -33.20 -15.08
C GLN A 129 -18.87 -32.19 -14.07
N PRO A 130 -20.06 -31.66 -14.31
CA PRO A 130 -20.52 -30.55 -13.53
C PRO A 130 -20.88 -30.93 -12.10
N TYR A 131 -21.03 -29.92 -11.24
CA TYR A 131 -21.47 -30.06 -9.88
C TYR A 131 -22.92 -30.39 -9.93
N PRO A 132 -23.36 -31.24 -9.01
CA PRO A 132 -24.75 -31.51 -8.75
C PRO A 132 -25.51 -30.26 -8.34
N LEU A 133 -26.79 -30.19 -8.67
CA LEU A 133 -27.65 -29.06 -8.35
C LEU A 133 -27.56 -28.60 -6.89
N PRO A 134 -27.60 -29.54 -5.92
CA PRO A 134 -27.47 -29.05 -4.55
C PRO A 134 -26.13 -28.39 -4.26
N HIS A 135 -25.06 -28.80 -4.92
CA HIS A 135 -23.80 -28.10 -4.73
C HIS A 135 -23.86 -26.75 -5.39
N VAL A 136 -24.40 -26.66 -6.62
CA VAL A 136 -24.65 -25.36 -7.31
C VAL A 136 -25.45 -24.40 -6.45
N ARG A 137 -26.46 -24.89 -5.76
CA ARG A 137 -27.29 -24.03 -4.93
C ARG A 137 -26.51 -23.46 -3.74
N HIS A 138 -25.80 -24.34 -3.05
CA HIS A 138 -25.10 -23.89 -1.89
C HIS A 138 -24.01 -22.93 -2.27
N MET A 139 -23.27 -23.25 -3.31
CA MET A 139 -22.19 -22.34 -3.77
C MET A 139 -22.73 -21.00 -4.29
N ALA A 140 -23.81 -21.04 -5.06
CA ALA A 140 -24.46 -19.83 -5.52
C ALA A 140 -24.83 -18.94 -4.35
N TYR A 141 -25.53 -19.51 -3.37
CA TYR A 141 -25.89 -18.75 -2.19
C TYR A 141 -24.72 -18.06 -1.55
N GLN A 142 -23.65 -18.81 -1.36
CA GLN A 142 -22.44 -18.23 -0.75
C GLN A 142 -21.86 -17.12 -1.60
N LEU A 143 -21.84 -17.27 -2.93
CA LEU A 143 -21.30 -16.22 -3.78
C LEU A 143 -22.14 -14.99 -3.58
N CYS A 144 -23.46 -15.15 -3.47
CA CYS A 144 -24.37 -13.99 -3.42
C CYS A 144 -24.22 -13.29 -2.07
N HIS A 145 -24.08 -14.07 -1.01
CA HIS A 145 -23.78 -13.51 0.30
C HIS A 145 -22.47 -12.71 0.39
N ALA A 146 -21.38 -13.26 -0.15
CA ALA A 146 -20.08 -12.59 -0.10
C ALA A 146 -20.07 -11.34 -0.98
N LEU A 147 -20.61 -11.40 -2.19
CA LEU A 147 -20.51 -10.24 -3.03
C LEU A 147 -21.56 -9.17 -2.61
N ARG A 148 -22.65 -9.57 -1.96
CA ARG A 148 -23.59 -8.60 -1.37
CA ARG A 148 -23.58 -8.60 -1.39
C ARG A 148 -22.84 -7.69 -0.42
N PHE A 149 -22.10 -8.32 0.50
CA PHE A 149 -21.25 -7.65 1.49
C PHE A 149 -20.24 -6.72 0.84
N LEU A 150 -19.52 -7.21 -0.17
CA LEU A 150 -18.56 -6.35 -0.86
CA LEU A 150 -18.57 -6.34 -0.87
C LEU A 150 -19.29 -5.14 -1.51
N HIS A 151 -20.42 -5.39 -2.15
CA HIS A 151 -21.16 -4.32 -2.81
C HIS A 151 -21.66 -3.26 -1.82
N GLU A 152 -22.17 -3.68 -0.67
CA GLU A 152 -22.59 -2.76 0.40
C GLU A 152 -21.47 -1.85 0.95
N ASN A 153 -20.21 -2.21 0.72
CA ASN A 153 -19.08 -1.39 1.09
C ASN A 153 -18.40 -0.69 -0.09
N GLN A 154 -19.17 -0.37 -1.12
CA GLN A 154 -18.76 0.45 -2.25
C GLN A 154 -17.61 -0.15 -3.03
N LEU A 155 -17.57 -1.49 -3.06
CA LEU A 155 -16.59 -2.24 -3.85
C LEU A 155 -17.23 -3.06 -4.99
N THR A 156 -16.48 -3.17 -6.07
CA THR A 156 -16.84 -4.07 -7.16
C THR A 156 -15.63 -4.94 -7.43
N HIS A 157 -15.85 -6.23 -7.54
CA HIS A 157 -14.73 -7.21 -7.70
C HIS A 157 -14.06 -7.08 -9.07
N THR A 158 -14.91 -7.11 -10.10
CA THR A 158 -14.62 -6.90 -11.53
C THR A 158 -14.01 -8.09 -12.22
N ASP A 159 -13.60 -9.10 -11.47
CA ASP A 159 -12.91 -10.21 -12.12
C ASP A 159 -13.31 -11.59 -11.61
N LEU A 160 -14.61 -11.79 -11.35
CA LEU A 160 -15.07 -13.03 -10.77
C LEU A 160 -14.96 -14.16 -11.81
N LYS A 161 -14.49 -15.31 -11.37
CA LYS A 161 -14.43 -16.51 -12.21
C LYS A 161 -14.16 -17.69 -11.33
N PRO A 162 -14.39 -18.90 -11.86
CA PRO A 162 -14.31 -20.05 -10.99
C PRO A 162 -12.98 -20.23 -10.30
N GLU A 163 -11.86 -19.89 -10.93
CA GLU A 163 -10.58 -20.03 -10.25
C GLU A 163 -10.38 -19.07 -9.07
N ASN A 164 -11.24 -18.06 -8.92
CA ASN A 164 -11.07 -17.07 -7.85
C ASN A 164 -11.86 -17.48 -6.64
N ILE A 165 -12.59 -18.60 -6.77
CA ILE A 165 -13.40 -19.14 -5.71
CA ILE A 165 -13.43 -19.15 -5.72
C ILE A 165 -12.78 -20.47 -5.23
N LEU A 166 -12.42 -20.58 -3.95
CA LEU A 166 -11.78 -21.81 -3.42
C LEU A 166 -12.66 -22.54 -2.43
N PHE A 167 -12.59 -23.88 -2.42
CA PHE A 167 -13.24 -24.67 -1.35
C PHE A 167 -12.44 -24.55 -0.07
N VAL A 168 -13.13 -24.47 1.05
CA VAL A 168 -12.47 -24.51 2.38
C VAL A 168 -11.72 -25.84 2.52
N ASN A 169 -12.37 -26.94 2.15
CA ASN A 169 -11.73 -28.26 2.09
C ASN A 169 -12.23 -29.01 0.88
N SER A 170 -11.34 -29.42 0.00
CA SER A 170 -11.75 -30.02 -1.27
C SER A 170 -11.67 -31.57 -1.26
N GLU A 171 -11.60 -32.18 -0.08
CA GLU A 171 -11.77 -33.65 0.00
C GLU A 171 -13.08 -34.08 -0.62
N PHE A 172 -13.04 -35.21 -1.35
CA PHE A 172 -14.16 -35.75 -2.11
C PHE A 172 -14.33 -37.27 -1.91
N GLU A 173 -15.54 -37.70 -2.24
CA GLU A 173 -15.91 -39.10 -2.33
CA GLU A 173 -15.90 -39.10 -2.33
C GLU A 173 -16.06 -39.38 -3.81
N THR A 174 -15.78 -40.61 -4.23
CA THR A 174 -15.87 -40.96 -5.63
C THR A 174 -17.11 -41.79 -5.80
N LEU A 175 -18.01 -41.33 -6.67
CA LEU A 175 -19.27 -42.01 -6.94
C LEU A 175 -19.28 -42.46 -8.40
N TYR A 176 -20.30 -43.17 -8.84
CA TYR A 176 -20.38 -43.68 -10.19
C TYR A 176 -21.68 -43.22 -10.82
N ASN A 177 -21.63 -42.82 -12.08
CA ASN A 177 -22.80 -42.29 -12.77
C ASN A 177 -23.41 -43.32 -13.72
N GLU A 178 -24.59 -43.83 -13.36
CA GLU A 178 -25.28 -44.81 -14.20
C GLU A 178 -25.53 -44.18 -15.58
N HIS A 179 -26.20 -43.01 -15.56
CA HIS A 179 -26.55 -42.28 -16.77
C HIS A 179 -25.43 -42.27 -17.79
N LYS A 180 -24.23 -41.80 -17.43
CA LYS A 180 -23.12 -41.65 -18.40
C LYS A 180 -21.96 -42.64 -18.22
N SER A 181 -22.24 -43.80 -17.63
CA SER A 181 -21.25 -44.88 -17.33
C SER A 181 -19.80 -44.45 -17.04
N CYS A 182 -19.62 -43.71 -15.93
CA CYS A 182 -18.27 -43.33 -15.47
C CYS A 182 -18.24 -42.86 -14.00
N GLU A 183 -17.03 -42.77 -13.48
CA GLU A 183 -16.77 -42.24 -12.15
C GLU A 183 -16.92 -40.70 -12.09
N GLU A 184 -17.22 -40.20 -10.89
CA GLU A 184 -17.47 -38.78 -10.65
C GLU A 184 -17.01 -38.44 -9.24
N LYS A 185 -16.35 -37.30 -9.09
CA LYS A 185 -15.93 -36.85 -7.77
C LYS A 185 -16.98 -35.85 -7.24
N SER A 186 -17.32 -36.03 -5.96
CA SER A 186 -18.28 -35.20 -5.24
C SER A 186 -17.63 -34.64 -4.00
N VAL A 187 -17.43 -33.35 -3.96
CA VAL A 187 -16.79 -32.71 -2.80
C VAL A 187 -17.61 -32.96 -1.56
N LYS A 188 -16.95 -33.20 -0.43
CA LYS A 188 -17.70 -33.57 0.80
C LYS A 188 -18.31 -32.39 1.52
N ASN A 189 -17.68 -31.24 1.41
CA ASN A 189 -18.13 -29.99 1.99
C ASN A 189 -18.01 -28.87 0.94
N THR A 190 -19.14 -28.22 0.63
CA THR A 190 -19.21 -27.21 -0.44
C THR A 190 -19.01 -25.78 0.06
N SER A 191 -18.43 -25.62 1.25
CA SER A 191 -18.03 -24.26 1.74
C SER A 191 -16.94 -23.61 0.92
N ILE A 192 -17.09 -22.32 0.60
CA ILE A 192 -16.18 -21.64 -0.31
C ILE A 192 -15.81 -20.26 0.21
N ARG A 193 -14.76 -19.70 -0.38
CA ARG A 193 -14.31 -18.37 -0.07
C ARG A 193 -14.01 -17.70 -1.39
N VAL A 194 -14.34 -16.42 -1.48
CA VAL A 194 -13.92 -15.59 -2.64
C VAL A 194 -12.50 -15.12 -2.32
N ALA A 195 -11.63 -15.33 -3.29
N ALA A 195 -11.55 -15.41 -3.21
CA ALA A 195 -10.25 -14.90 -3.18
CA ALA A 195 -10.16 -15.59 -2.75
C ALA A 195 -9.89 -13.93 -4.29
C ALA A 195 -9.09 -14.59 -3.21
N ASP A 196 -8.60 -13.61 -4.30
N ASP A 196 -9.45 -13.70 -4.14
CA ASP A 196 -8.09 -12.63 -5.18
CA ASP A 196 -8.50 -12.75 -4.74
C ASP A 196 -9.04 -11.45 -5.20
C ASP A 196 -9.16 -11.43 -5.11
N PHE A 197 -8.51 -10.31 -4.78
CA PHE A 197 -9.15 -9.01 -4.89
C PHE A 197 -8.21 -8.07 -5.57
N GLY A 198 -7.44 -8.61 -6.50
CA GLY A 198 -6.48 -7.86 -7.22
C GLY A 198 -6.98 -6.89 -8.26
N SER A 199 -8.27 -6.96 -8.58
CA SER A 199 -8.89 -5.94 -9.43
C SER A 199 -10.02 -5.22 -8.77
N ALA A 200 -10.33 -5.57 -7.52
CA ALA A 200 -11.43 -4.94 -6.82
C ALA A 200 -11.28 -3.40 -6.73
N THR A 201 -12.34 -2.69 -7.12
CA THR A 201 -12.33 -1.26 -7.30
C THR A 201 -13.36 -0.53 -6.40
N PHE A 202 -12.92 0.53 -5.73
CA PHE A 202 -13.83 1.36 -4.95
C PHE A 202 -14.69 2.22 -5.87
N ASP A 203 -15.89 2.53 -5.42
CA ASP A 203 -16.78 3.39 -6.15
C ASP A 203 -16.08 4.73 -6.51
N HIS A 204 -15.28 5.29 -5.62
CA HIS A 204 -14.68 6.60 -5.90
C HIS A 204 -13.46 6.56 -6.83
N GLU A 205 -12.91 5.39 -7.17
CA GLU A 205 -11.68 5.30 -8.00
C GLU A 205 -12.00 5.34 -9.47
N HIS A 206 -11.00 5.68 -10.27
CA HIS A 206 -11.11 5.60 -11.75
C HIS A 206 -11.54 4.21 -12.26
N HIS A 207 -12.55 4.20 -13.16
CA HIS A 207 -13.08 2.97 -13.73
C HIS A 207 -12.55 2.91 -15.11
N THR A 208 -11.70 1.92 -15.42
CA THR A 208 -11.20 1.73 -16.79
C THR A 208 -12.33 1.31 -17.74
N THR A 209 -12.11 1.51 -19.04
CA THR A 209 -13.11 1.16 -20.04
C THR A 209 -13.51 -0.33 -20.05
N ILE A 210 -12.51 -1.21 -19.94
CA ILE A 210 -12.68 -2.69 -20.00
C ILE A 210 -12.17 -3.32 -18.70
N VAL A 211 -13.01 -4.14 -18.05
CA VAL A 211 -12.64 -4.98 -16.94
C VAL A 211 -13.19 -6.39 -17.22
N ALA A 212 -12.93 -7.33 -16.30
CA ALA A 212 -13.39 -8.75 -16.33
C ALA A 212 -12.59 -9.53 -17.35
N THR A 213 -12.44 -10.84 -17.10
CA THR A 213 -11.91 -11.79 -18.09
C THR A 213 -12.98 -12.00 -19.14
N ARG A 214 -12.59 -12.11 -20.40
CA ARG A 214 -13.56 -12.09 -21.50
C ARG A 214 -14.83 -12.89 -21.30
N HIS A 215 -14.72 -14.16 -20.87
CA HIS A 215 -15.88 -15.06 -20.84
C HIS A 215 -16.96 -14.63 -19.80
N TYR A 216 -16.54 -13.85 -18.81
CA TYR A 216 -17.36 -13.41 -17.69
C TYR A 216 -17.69 -11.89 -17.81
N ARG A 217 -17.39 -11.29 -18.96
CA ARG A 217 -17.46 -9.83 -19.16
C ARG A 217 -18.85 -9.44 -19.66
N PRO A 218 -19.49 -8.43 -19.03
CA PRO A 218 -20.86 -8.14 -19.42
C PRO A 218 -21.01 -7.20 -20.64
N PRO A 219 -22.24 -7.06 -21.13
CA PRO A 219 -22.44 -6.31 -22.35
C PRO A 219 -22.16 -4.83 -22.18
N GLU A 220 -22.50 -4.24 -21.02
CA GLU A 220 -22.24 -2.82 -20.82
C GLU A 220 -20.76 -2.49 -20.94
N VAL A 221 -19.93 -3.44 -20.58
CA VAL A 221 -18.48 -3.27 -20.69
C VAL A 221 -18.03 -3.36 -22.13
N ILE A 222 -18.49 -4.38 -22.87
CA ILE A 222 -18.18 -4.46 -24.33
C ILE A 222 -18.63 -3.17 -25.11
N LEU A 223 -19.81 -2.67 -24.80
CA LEU A 223 -20.37 -1.48 -25.47
C LEU A 223 -19.89 -0.18 -24.80
N GLU A 224 -18.96 -0.32 -23.85
CA GLU A 224 -18.30 0.86 -23.26
C GLU A 224 -19.30 1.89 -22.68
N LEU A 225 -20.32 1.35 -22.02
CA LEU A 225 -21.36 2.15 -21.46
C LEU A 225 -21.11 2.45 -19.97
N GLY A 226 -19.96 2.08 -19.43
CA GLY A 226 -19.70 2.21 -18.00
C GLY A 226 -20.24 1.02 -17.21
N TRP A 227 -19.64 0.77 -16.05
CA TRP A 227 -19.94 -0.36 -15.20
C TRP A 227 -19.89 0.01 -13.73
N ALA A 228 -20.56 -0.79 -12.92
CA ALA A 228 -20.46 -0.70 -11.46
C ALA A 228 -20.78 -2.09 -10.94
N GLN A 229 -21.35 -2.17 -9.75
CA GLN A 229 -21.67 -3.47 -9.12
C GLN A 229 -22.42 -4.51 -10.00
N PRO A 230 -23.34 -4.08 -10.86
CA PRO A 230 -24.01 -5.10 -11.66
C PRO A 230 -23.08 -5.94 -12.50
N CYS A 231 -21.85 -5.51 -12.72
CA CYS A 231 -20.87 -6.30 -13.49
C CYS A 231 -20.58 -7.66 -12.81
N ASP A 232 -20.52 -7.63 -11.49
CA ASP A 232 -20.26 -8.81 -10.68
C ASP A 232 -21.45 -9.78 -10.75
N VAL A 233 -22.66 -9.26 -10.91
CA VAL A 233 -23.80 -10.13 -10.99
C VAL A 233 -23.78 -10.92 -12.31
N TRP A 234 -23.41 -10.27 -13.41
CA TRP A 234 -23.32 -10.93 -14.65
C TRP A 234 -22.32 -12.06 -14.55
N SER A 235 -21.15 -11.76 -13.99
CA SER A 235 -20.10 -12.77 -13.87
C SER A 235 -20.57 -13.99 -13.05
N ILE A 236 -21.35 -13.71 -11.99
CA ILE A 236 -21.92 -14.80 -11.16
C ILE A 236 -22.93 -15.69 -11.97
N GLY A 237 -23.72 -15.05 -12.84
CA GLY A 237 -24.60 -15.80 -13.71
C GLY A 237 -23.79 -16.79 -14.59
N CYS A 238 -22.73 -16.31 -15.25
CA CYS A 238 -21.93 -17.13 -16.13
C CYS A 238 -21.25 -18.22 -15.33
N ILE A 239 -20.84 -17.90 -14.11
CA ILE A 239 -20.22 -18.87 -13.25
C ILE A 239 -21.17 -19.98 -12.85
N LEU A 240 -22.41 -19.64 -12.50
CA LEU A 240 -23.34 -20.70 -12.01
C LEU A 240 -23.65 -21.63 -13.14
N PHE A 241 -23.74 -21.08 -14.37
CA PHE A 241 -23.97 -21.89 -15.56
C PHE A 241 -22.89 -22.92 -15.74
N GLU A 242 -21.68 -22.43 -15.66
CA GLU A 242 -20.51 -23.25 -15.77
C GLU A 242 -20.38 -24.29 -14.64
N TYR A 243 -20.81 -23.97 -13.44
CA TYR A 243 -20.88 -25.05 -12.42
C TYR A 243 -21.94 -26.13 -12.72
N TYR A 244 -23.06 -25.71 -13.24
CA TYR A 244 -24.15 -26.61 -13.59
C TYR A 244 -23.93 -27.47 -14.86
N ARG A 245 -23.33 -26.92 -15.91
CA ARG A 245 -23.05 -27.72 -17.11
C ARG A 245 -21.62 -28.16 -17.21
N GLY A 246 -20.73 -27.46 -16.56
CA GLY A 246 -19.34 -27.86 -16.61
C GLY A 246 -18.59 -27.26 -17.78
N PHE A 247 -19.28 -26.56 -18.66
CA PHE A 247 -18.64 -25.82 -19.76
C PHE A 247 -18.98 -24.31 -19.71
N THR A 248 -18.13 -23.52 -20.34
CA THR A 248 -18.25 -22.09 -20.34
C THR A 248 -19.53 -21.64 -21.07
N LEU A 249 -20.23 -20.67 -20.52
CA LEU A 249 -21.41 -20.14 -21.18
C LEU A 249 -21.09 -19.47 -22.54
N PHE A 250 -20.04 -18.63 -22.54
CA PHE A 250 -19.63 -17.81 -23.68
C PHE A 250 -18.20 -18.11 -24.10
N GLN A 251 -18.06 -19.08 -25.01
CA GLN A 251 -16.74 -19.63 -25.35
C GLN A 251 -16.25 -18.83 -26.54
N THR A 252 -15.83 -17.61 -26.22
CA THR A 252 -15.71 -16.56 -27.23
C THR A 252 -14.32 -15.93 -27.17
N HIS A 253 -13.84 -15.43 -28.29
CA HIS A 253 -12.54 -14.72 -28.31
C HIS A 253 -12.59 -13.27 -28.81
N GLU A 254 -13.73 -12.80 -29.33
CA GLU A 254 -13.92 -11.37 -29.75
C GLU A 254 -15.34 -10.81 -29.59
N ASN A 255 -15.40 -9.47 -29.50
CA ASN A 255 -16.59 -8.76 -29.11
C ASN A 255 -17.83 -9.04 -29.99
N ARG A 256 -17.70 -8.91 -31.32
CA ARG A 256 -18.84 -9.07 -32.19
C ARG A 256 -19.43 -10.49 -32.00
N GLU A 257 -18.60 -11.49 -32.02
CA GLU A 257 -19.05 -12.83 -31.77
C GLU A 257 -19.76 -12.97 -30.40
N HIS A 258 -19.17 -12.36 -29.38
CA HIS A 258 -19.65 -12.44 -28.01
C HIS A 258 -21.06 -11.84 -27.95
N LEU A 259 -21.27 -10.77 -28.66
CA LEU A 259 -22.60 -10.12 -28.66
C LEU A 259 -23.68 -10.97 -29.38
N VAL A 260 -23.31 -11.63 -30.48
CA VAL A 260 -24.21 -12.54 -31.19
C VAL A 260 -24.62 -13.68 -30.28
N MET A 261 -23.61 -14.24 -29.61
CA MET A 261 -23.82 -15.34 -28.66
C MET A 261 -24.83 -14.92 -27.62
N MET A 262 -24.61 -13.74 -27.03
CA MET A 262 -25.58 -13.13 -26.12
C MET A 262 -26.98 -13.10 -26.70
N GLU A 263 -27.12 -12.68 -27.92
CA GLU A 263 -28.46 -12.61 -28.51
C GLU A 263 -29.06 -13.95 -28.78
N LYS A 264 -28.26 -14.91 -29.27
CA LYS A 264 -28.78 -16.29 -29.47
C LYS A 264 -29.21 -16.92 -28.15
N ILE A 265 -28.44 -16.70 -27.08
CA ILE A 265 -28.71 -17.35 -25.81
C ILE A 265 -29.77 -16.61 -25.01
N LEU A 266 -29.74 -15.27 -25.06
CA LEU A 266 -30.54 -14.44 -24.15
C LEU A 266 -31.67 -13.65 -24.81
N GLY A 267 -31.60 -13.44 -26.12
CA GLY A 267 -32.63 -12.64 -26.84
C GLY A 267 -31.98 -11.33 -27.24
N PRO A 268 -32.77 -10.41 -27.80
CA PRO A 268 -32.23 -9.20 -28.40
C PRO A 268 -31.65 -8.21 -27.41
N ILE A 269 -30.56 -7.55 -27.79
CA ILE A 269 -29.98 -6.46 -27.00
C ILE A 269 -31.02 -5.34 -27.05
N PRO A 270 -31.35 -4.73 -25.93
CA PRO A 270 -32.41 -3.68 -25.98
C PRO A 270 -32.01 -2.41 -26.76
N SER A 271 -32.98 -1.81 -27.45
CA SER A 271 -32.69 -0.67 -28.32
C SER A 271 -32.03 0.50 -27.63
N HIS A 272 -32.41 0.77 -26.38
CA HIS A 272 -31.89 1.92 -25.70
C HIS A 272 -30.41 1.77 -25.46
N MET A 273 -29.95 0.53 -25.29
CA MET A 273 -28.50 0.32 -25.16
C MET A 273 -27.77 0.57 -26.48
N ILE A 274 -28.39 0.20 -27.59
CA ILE A 274 -27.75 0.32 -28.88
C ILE A 274 -27.60 1.80 -29.28
N HIS A 275 -28.62 2.59 -28.97
CA HIS A 275 -28.58 4.01 -29.32
C HIS A 275 -27.58 4.74 -28.46
N ARG A 276 -27.27 4.20 -27.29
CA ARG A 276 -26.40 4.91 -26.37
C ARG A 276 -24.90 4.61 -26.57
N THR A 277 -24.55 3.51 -27.22
CA THR A 277 -23.12 3.11 -27.31
C THR A 277 -22.33 3.84 -28.37
N ARG A 278 -21.08 4.13 -28.11
CA ARG A 278 -20.27 4.67 -29.18
C ARG A 278 -19.87 3.54 -30.16
N LYS A 279 -20.05 2.29 -29.77
CA LYS A 279 -19.51 1.18 -30.59
C LYS A 279 -20.51 0.77 -31.65
N GLN A 280 -20.77 1.71 -32.56
CA GLN A 280 -21.75 1.55 -33.62
C GLN A 280 -21.28 0.60 -34.74
N LYS A 281 -19.97 0.42 -34.88
CA LYS A 281 -19.43 -0.66 -35.73
C LYS A 281 -20.11 -2.04 -35.56
N TYR A 282 -20.71 -2.34 -34.41
CA TYR A 282 -21.33 -3.65 -34.25
C TYR A 282 -22.76 -3.65 -34.79
N PHE A 283 -23.25 -2.54 -35.36
CA PHE A 283 -24.69 -2.42 -35.63
C PHE A 283 -24.94 -1.87 -37.02
N TYR A 284 -26.12 -2.19 -37.56
CA TYR A 284 -26.58 -1.69 -38.87
C TYR A 284 -28.09 -1.78 -38.81
N LYS A 285 -28.76 -0.65 -39.04
CA LYS A 285 -30.22 -0.55 -38.99
C LYS A 285 -30.72 -0.88 -37.61
N GLY A 286 -29.96 -0.49 -36.60
CA GLY A 286 -30.38 -0.67 -35.18
C GLY A 286 -30.26 -2.10 -34.64
N GLY A 287 -29.69 -2.97 -35.44
CA GLY A 287 -29.59 -4.38 -35.10
C GLY A 287 -28.18 -4.84 -35.25
N LEU A 288 -27.85 -5.89 -34.49
CA LEU A 288 -26.50 -6.42 -34.43
C LEU A 288 -26.11 -6.89 -35.84
N VAL A 289 -24.90 -6.59 -36.30
CA VAL A 289 -24.51 -7.01 -37.66
C VAL A 289 -23.28 -7.92 -37.65
N TRP A 290 -23.28 -8.96 -38.50
CA TRP A 290 -22.25 -10.02 -38.45
C TRP A 290 -22.34 -10.90 -39.67
N ASP A 291 -21.28 -11.64 -39.90
CA ASP A 291 -21.18 -12.50 -41.05
C ASP A 291 -21.59 -13.91 -40.61
N GLU A 292 -22.76 -14.34 -41.02
CA GLU A 292 -23.22 -15.69 -40.71
C GLU A 292 -22.42 -16.81 -41.38
N ASN A 293 -21.83 -16.53 -42.54
CA ASN A 293 -21.05 -17.50 -43.31
C ASN A 293 -19.61 -17.69 -42.84
N SER A 294 -19.14 -16.82 -41.94
CA SER A 294 -17.76 -16.95 -41.45
C SER A 294 -17.61 -18.09 -40.43
N SER A 295 -16.37 -18.50 -40.20
CA SER A 295 -16.05 -19.52 -39.17
C SER A 295 -16.74 -19.26 -37.87
N ASP A 296 -16.58 -18.06 -37.35
CA ASP A 296 -17.24 -17.68 -36.11
C ASP A 296 -18.74 -17.67 -36.24
N GLY A 297 -19.25 -17.16 -37.36
CA GLY A 297 -20.71 -17.09 -37.54
C GLY A 297 -21.35 -18.46 -37.62
N ARG A 298 -20.73 -19.37 -38.38
CA ARG A 298 -21.16 -20.76 -38.35
C ARG A 298 -20.97 -21.43 -36.96
N TYR A 299 -19.88 -21.17 -36.25
CA TYR A 299 -19.74 -21.73 -34.90
C TYR A 299 -20.95 -21.35 -33.97
N VAL A 300 -21.24 -20.06 -33.84
CA VAL A 300 -22.34 -19.63 -32.99
C VAL A 300 -23.68 -20.23 -33.41
N LYS A 301 -23.95 -20.25 -34.71
CA LYS A 301 -25.24 -20.77 -35.18
C LYS A 301 -25.43 -22.26 -34.87
N GLU A 302 -24.37 -23.05 -35.01
CA GLU A 302 -24.45 -24.45 -34.70
C GLU A 302 -24.54 -24.68 -33.16
N ASN A 303 -23.78 -23.90 -32.38
CA ASN A 303 -23.53 -24.19 -30.95
C ASN A 303 -24.30 -23.36 -29.89
N CYS A 304 -24.78 -22.16 -30.19
CA CYS A 304 -25.43 -21.31 -29.17
C CYS A 304 -26.92 -21.37 -29.26
N LYS A 305 -27.55 -21.83 -28.17
CA LYS A 305 -29.00 -22.10 -28.12
C LYS A 305 -29.68 -21.25 -27.03
N PRO A 306 -31.02 -21.10 -27.09
CA PRO A 306 -31.69 -20.37 -26.02
C PRO A 306 -31.36 -20.94 -24.62
N LEU A 307 -31.18 -20.06 -23.62
CA LEU A 307 -30.72 -20.47 -22.29
C LEU A 307 -31.46 -21.67 -21.74
N LYS A 308 -32.78 -21.65 -21.83
CA LYS A 308 -33.59 -22.76 -21.30
C LYS A 308 -33.28 -24.13 -21.90
N SER A 309 -32.77 -24.19 -23.14
CA SER A 309 -32.42 -25.50 -23.72
C SER A 309 -31.28 -26.19 -22.97
N TYR A 310 -30.54 -25.45 -22.15
CA TYR A 310 -29.41 -26.03 -21.38
C TYR A 310 -29.82 -26.69 -20.06
N MET A 311 -31.09 -26.64 -19.68
CA MET A 311 -31.56 -27.33 -18.46
C MET A 311 -31.36 -28.82 -18.60
N LEU A 312 -30.83 -29.47 -17.58
CA LEU A 312 -30.60 -30.92 -17.64
C LEU A 312 -31.79 -31.71 -17.16
N GLN A 313 -32.65 -31.10 -16.35
CA GLN A 313 -33.90 -31.70 -15.85
C GLN A 313 -34.98 -30.62 -15.76
N ASP A 314 -36.24 -31.02 -15.75
CA ASP A 314 -37.36 -30.06 -15.83
C ASP A 314 -38.11 -29.82 -14.49
N SER A 315 -37.61 -30.36 -13.40
CA SER A 315 -38.26 -30.17 -12.09
C SER A 315 -38.08 -28.75 -11.56
N LEU A 316 -38.83 -28.44 -10.50
CA LEU A 316 -38.92 -27.09 -9.98
C LEU A 316 -37.58 -26.48 -9.60
N GLU A 317 -36.68 -27.27 -8.98
CA GLU A 317 -35.38 -26.71 -8.58
C GLU A 317 -34.52 -26.26 -9.79
N HIS A 318 -34.61 -26.97 -10.90
CA HIS A 318 -33.94 -26.57 -12.09
C HIS A 318 -34.64 -25.38 -12.73
N VAL A 319 -35.97 -25.31 -12.63
CA VAL A 319 -36.70 -24.18 -13.23
C VAL A 319 -36.30 -22.91 -12.45
N GLN A 320 -36.03 -23.06 -11.15
CA GLN A 320 -35.74 -21.91 -10.31
C GLN A 320 -34.35 -21.43 -10.54
N LEU A 321 -33.40 -22.34 -10.69
CA LEU A 321 -32.03 -21.95 -11.03
C LEU A 321 -31.99 -21.16 -12.31
N PHE A 322 -32.68 -21.64 -13.33
CA PHE A 322 -32.67 -20.96 -14.61
C PHE A 322 -33.36 -19.62 -14.62
N ASP A 323 -34.42 -19.47 -13.81
CA ASP A 323 -35.03 -18.15 -13.59
C ASP A 323 -34.03 -17.15 -12.96
N LEU A 324 -33.31 -17.60 -11.92
CA LEU A 324 -32.30 -16.76 -11.26
C LEU A 324 -31.18 -16.36 -12.24
N MET A 325 -30.68 -17.35 -12.96
CA MET A 325 -29.64 -17.12 -13.96
C MET A 325 -30.04 -16.08 -14.99
N ARG A 326 -31.27 -16.21 -15.52
CA ARG A 326 -31.76 -15.27 -16.52
CA ARG A 326 -31.76 -15.29 -16.51
C ARG A 326 -31.76 -13.86 -15.95
N ARG A 327 -32.17 -13.75 -14.69
CA ARG A 327 -32.22 -12.46 -13.99
C ARG A 327 -30.82 -11.91 -13.68
N MET A 328 -29.85 -12.79 -13.57
CA MET A 328 -28.46 -12.34 -13.44
C MET A 328 -27.88 -11.89 -14.80
N LEU A 329 -28.42 -12.45 -15.86
CA LEU A 329 -27.88 -12.21 -17.18
C LEU A 329 -28.79 -11.25 -18.00
N GLU A 330 -29.47 -10.36 -17.31
CA GLU A 330 -30.24 -9.29 -18.00
C GLU A 330 -29.26 -8.31 -18.65
N PHE A 331 -29.55 -7.94 -19.90
CA PHE A 331 -28.68 -7.07 -20.67
C PHE A 331 -28.50 -5.71 -19.96
N ASP A 332 -29.58 -5.18 -19.40
CA ASP A 332 -29.55 -3.83 -18.89
C ASP A 332 -29.10 -3.84 -17.43
N PRO A 333 -27.90 -3.29 -17.16
CA PRO A 333 -27.34 -3.36 -15.82
C PRO A 333 -28.28 -2.75 -14.82
N ALA A 334 -29.03 -1.73 -15.19
CA ALA A 334 -29.96 -1.09 -14.26
C ALA A 334 -31.14 -2.01 -13.91
N GLN A 335 -31.50 -2.94 -14.80
CA GLN A 335 -32.60 -3.91 -14.54
C GLN A 335 -32.15 -5.26 -13.99
N ARG A 336 -30.87 -5.50 -13.95
CA ARG A 336 -30.34 -6.77 -13.56
C ARG A 336 -30.60 -6.95 -12.05
N ILE A 337 -30.92 -8.18 -11.67
CA ILE A 337 -31.12 -8.50 -10.24
C ILE A 337 -29.91 -8.05 -9.41
N THR A 338 -30.16 -7.41 -8.27
CA THR A 338 -29.09 -7.15 -7.30
C THR A 338 -28.87 -8.37 -6.43
N LEU A 339 -27.72 -8.42 -5.78
CA LEU A 339 -27.42 -9.57 -4.95
C LEU A 339 -28.31 -9.66 -3.67
N ALA A 340 -28.66 -8.50 -3.08
CA ALA A 340 -29.66 -8.43 -1.99
C ALA A 340 -31.01 -9.06 -2.44
N GLU A 341 -31.46 -8.71 -3.66
CA GLU A 341 -32.67 -9.36 -4.23
C GLU A 341 -32.48 -10.85 -4.52
N ALA A 342 -31.29 -11.24 -5.01
CA ALA A 342 -30.99 -12.63 -5.32
C ALA A 342 -31.08 -13.53 -4.07
N LEU A 343 -30.68 -12.96 -2.94
CA LEU A 343 -30.64 -13.78 -1.74
C LEU A 343 -32.04 -14.17 -1.32
N LEU A 344 -33.06 -13.46 -1.82
CA LEU A 344 -34.48 -13.72 -1.49
C LEU A 344 -35.21 -14.53 -2.58
N HIS A 345 -34.48 -15.02 -3.59
CA HIS A 345 -35.11 -15.75 -4.68
C HIS A 345 -35.52 -17.15 -4.23
N PRO A 346 -36.65 -17.69 -4.79
CA PRO A 346 -37.17 -19.03 -4.44
C PRO A 346 -36.21 -20.20 -4.65
N PHE A 347 -35.27 -20.06 -5.56
CA PHE A 347 -34.20 -21.03 -5.67
C PHE A 347 -33.59 -21.36 -4.31
N PHE A 348 -33.40 -20.35 -3.48
CA PHE A 348 -32.79 -20.51 -2.14
C PHE A 348 -33.70 -20.87 -0.98
N ALA A 349 -34.99 -21.00 -1.22
CA ALA A 349 -35.88 -21.75 -0.28
C ALA A 349 -35.45 -23.24 -0.25
N GLY A 350 -34.77 -23.72 -1.33
CA GLY A 350 -34.29 -25.15 -1.43
C GLY A 350 -33.09 -25.58 -0.55
N LEU A 351 -32.48 -24.65 0.17
CA LEU A 351 -31.30 -24.91 1.02
C LEU A 351 -31.59 -25.67 2.33
N THR A 352 -30.68 -26.55 2.74
CA THR A 352 -30.78 -27.17 4.08
C THR A 352 -30.59 -26.11 5.23
N PRO A 353 -31.18 -26.35 6.42
CA PRO A 353 -30.97 -25.34 7.49
C PRO A 353 -29.49 -24.97 7.72
N GLU A 354 -28.64 -25.99 7.77
CA GLU A 354 -27.18 -25.90 8.01
C GLU A 354 -26.44 -25.00 7.02
N GLU A 355 -26.75 -25.16 5.72
CA GLU A 355 -26.13 -24.40 4.60
C GLU A 355 -26.47 -22.88 4.60
N ARG A 356 -27.65 -22.54 5.15
CA ARG A 356 -28.29 -21.20 5.11
C ARG A 356 -27.79 -20.26 6.20
N SER A 357 -27.35 -20.87 7.30
CA SER A 357 -26.76 -20.18 8.42
C SER A 357 -25.21 -20.07 8.33
N PHE A 358 -24.60 -20.96 7.53
CA PHE A 358 -23.13 -21.07 7.45
C PHE A 358 -22.55 -21.65 8.76
N SER B 5 -23.40 7.08 10.95
CA SER B 5 -22.17 7.93 10.97
C SER B 5 -21.27 7.82 9.70
N LYS B 6 -21.46 6.79 8.86
CA LYS B 6 -20.73 6.67 7.59
C LYS B 6 -20.97 7.92 6.69
N ARG B 7 -19.90 8.45 6.08
CA ARG B 7 -20.02 9.61 5.18
C ARG B 7 -20.49 9.15 3.81
N SER B 8 -21.61 9.71 3.33
CA SER B 8 -22.02 9.56 1.93
C SER B 8 -21.18 10.54 1.09
N SER B 9 -20.99 10.25 -0.20
CA SER B 9 -19.97 11.01 -1.00
C SER B 9 -20.39 12.44 -1.28
N ARG B 10 -21.67 12.73 -1.03
CA ARG B 10 -22.17 14.07 -1.05
C ARG B 10 -21.52 14.93 0.05
N SER B 11 -21.23 14.31 1.21
CA SER B 11 -20.51 14.98 2.33
C SER B 11 -19.06 15.30 2.00
N VAL B 12 -18.48 14.53 1.10
CA VAL B 12 -17.04 14.58 0.91
C VAL B 12 -16.72 15.68 -0.09
N GLU B 13 -16.06 16.73 0.35
CA GLU B 13 -15.64 17.82 -0.54
C GLU B 13 -14.12 17.93 -0.56
N ASP B 14 -13.56 18.16 -1.75
CA ASP B 14 -12.14 18.50 -1.92
C ASP B 14 -12.04 19.92 -2.46
N ASP B 15 -11.02 20.67 -2.07
CA ASP B 15 -10.70 21.90 -2.77
C ASP B 15 -9.97 21.63 -4.10
N LYS B 16 -9.58 22.70 -4.80
CA LYS B 16 -9.02 22.59 -6.17
C LYS B 16 -7.64 21.91 -6.20
N GLU B 17 -6.95 21.92 -5.07
CA GLU B 17 -5.66 21.24 -4.95
C GLU B 17 -5.84 19.79 -4.51
N GLY B 18 -7.09 19.41 -4.19
CA GLY B 18 -7.41 18.03 -3.82
C GLY B 18 -7.30 17.75 -2.31
N HIS B 19 -7.15 18.81 -1.52
CA HIS B 19 -7.20 18.68 -0.06
C HIS B 19 -8.62 18.40 0.35
N LEU B 20 -8.80 17.58 1.38
CA LEU B 20 -10.13 17.33 1.95
C LEU B 20 -10.56 18.54 2.77
N VAL B 21 -11.74 19.07 2.48
CA VAL B 21 -12.29 20.12 3.32
C VAL B 21 -12.78 19.46 4.60
N CYS B 22 -12.31 19.98 5.73
CA CYS B 22 -12.59 19.40 7.04
C CYS B 22 -13.18 20.51 7.90
N ARG B 23 -14.00 20.11 8.86
CA ARG B 23 -14.61 21.02 9.81
C ARG B 23 -14.48 20.33 11.12
N ILE B 24 -14.37 21.11 12.20
CA ILE B 24 -14.46 20.58 13.55
C ILE B 24 -15.75 19.80 13.62
N GLY B 25 -15.73 18.63 14.24
CA GLY B 25 -16.92 17.80 14.36
C GLY B 25 -17.19 16.86 13.21
N ASP B 26 -16.54 17.03 12.07
CA ASP B 26 -16.68 16.06 10.98
C ASP B 26 -16.22 14.69 11.45
N TRP B 27 -16.75 13.63 10.85
CA TRP B 27 -16.31 12.25 11.12
C TRP B 27 -15.60 11.61 9.96
N LEU B 28 -14.71 10.65 10.26
CA LEU B 28 -14.03 9.85 9.26
C LEU B 28 -13.99 8.39 9.71
N GLN B 29 -14.25 7.48 8.78
CA GLN B 29 -14.34 6.03 9.04
C GLN B 29 -15.18 5.61 10.20
N GLU B 30 -16.22 6.37 10.52
CA GLU B 30 -17.09 6.00 11.62
C GLU B 30 -16.30 5.74 12.89
N ARG B 31 -15.20 6.47 13.07
CA ARG B 31 -14.23 6.16 14.13
C ARG B 31 -13.56 7.43 14.68
N TYR B 32 -13.11 8.30 13.78
CA TYR B 32 -12.39 9.51 14.17
C TYR B 32 -13.25 10.76 14.07
N GLU B 33 -13.25 11.54 15.15
CA GLU B 33 -13.93 12.82 15.20
C GLU B 33 -12.92 13.98 15.21
N ILE B 34 -12.97 14.83 14.19
CA ILE B 34 -12.06 15.95 14.10
C ILE B 34 -12.41 16.95 15.20
N VAL B 35 -11.39 17.45 15.92
CA VAL B 35 -11.58 18.48 16.97
C VAL B 35 -10.67 19.68 16.79
N GLY B 36 -9.72 19.61 15.87
CA GLY B 36 -8.92 20.76 15.50
C GLY B 36 -8.02 20.49 14.31
N ASN B 37 -7.55 21.57 13.70
CA ASN B 37 -6.50 21.52 12.72
C ASN B 37 -5.16 21.71 13.38
N LEU B 38 -4.20 20.87 13.04
CA LEU B 38 -2.82 21.02 13.54
C LEU B 38 -1.93 21.65 12.49
N GLY B 39 -2.25 21.51 11.22
CA GLY B 39 -1.41 22.12 10.20
C GLY B 39 -1.47 21.52 8.82
N GLU B 40 -0.83 22.22 7.90
CA GLU B 40 -0.91 21.90 6.49
C GLU B 40 0.44 21.80 5.86
N GLY B 41 0.49 21.14 4.72
CA GLY B 41 1.74 20.97 3.97
C GLY B 41 1.39 20.64 2.55
N THR B 42 2.41 20.51 1.71
CA THR B 42 2.17 20.19 0.30
C THR B 42 1.65 18.75 0.11
N PHE B 43 1.83 17.87 1.10
CA PHE B 43 1.34 16.46 1.06
C PHE B 43 -0.15 16.36 1.34
N GLY B 44 -0.73 17.44 1.89
CA GLY B 44 -2.00 17.36 2.58
C GLY B 44 -2.08 18.11 3.91
N LYS B 45 -2.83 17.56 4.86
CA LYS B 45 -2.96 18.22 6.16
C LYS B 45 -2.91 17.28 7.35
N VAL B 46 -2.77 17.86 8.52
CA VAL B 46 -2.75 17.13 9.76
C VAL B 46 -3.86 17.66 10.67
N VAL B 47 -4.72 16.77 11.18
CA VAL B 47 -5.79 17.14 12.10
C VAL B 47 -5.71 16.39 13.38
N GLU B 48 -6.26 16.99 14.43
CA GLU B 48 -6.41 16.31 15.72
C GLU B 48 -7.78 15.69 15.75
N CYS B 49 -7.88 14.44 16.18
CA CYS B 49 -9.17 13.72 16.29
C CYS B 49 -9.27 12.97 17.61
N LEU B 50 -10.50 12.56 17.96
CA LEU B 50 -10.73 11.62 19.04
C LEU B 50 -11.00 10.28 18.41
N ASP B 51 -10.29 9.23 18.85
CA ASP B 51 -10.53 7.85 18.38
C ASP B 51 -11.59 7.16 19.24
N HIS B 52 -12.83 7.16 18.74
CA HIS B 52 -13.96 6.57 19.51
C HIS B 52 -13.86 5.08 19.64
N ALA B 53 -13.00 4.44 18.85
CA ALA B 53 -12.82 2.99 18.99
C ALA B 53 -11.70 2.63 19.97
N ARG B 54 -11.09 3.63 20.62
CA ARG B 54 -10.10 3.40 21.68
C ARG B 54 -10.31 4.47 22.78
N GLY B 55 -11.54 4.57 23.26
CA GLY B 55 -11.84 5.36 24.45
C GLY B 55 -11.84 6.85 24.25
N LYS B 56 -12.08 7.31 23.04
CA LYS B 56 -12.00 8.73 22.73
C LYS B 56 -10.60 9.30 22.90
N SER B 57 -9.57 8.47 22.65
CA SER B 57 -8.18 8.94 22.83
C SER B 57 -7.76 9.85 21.68
N GLN B 58 -6.90 10.81 21.99
CA GLN B 58 -6.43 11.79 21.03
C GLN B 58 -5.46 11.17 20.03
N VAL B 59 -5.71 11.39 18.74
CA VAL B 59 -4.77 11.05 17.68
C VAL B 59 -4.55 12.24 16.76
N ALA B 60 -3.39 12.26 16.11
CA ALA B 60 -3.16 13.13 14.98
C ALA B 60 -3.37 12.29 13.71
N LEU B 61 -4.26 12.72 12.82
CA LEU B 61 -4.41 12.15 11.49
C LEU B 61 -3.71 12.95 10.43
N LYS B 62 -2.88 12.26 9.65
CA LYS B 62 -2.29 12.84 8.45
C LYS B 62 -3.18 12.45 7.27
N ILE B 63 -3.70 13.47 6.61
CA ILE B 63 -4.68 13.29 5.55
C ILE B 63 -4.04 13.75 4.24
N ILE B 64 -3.75 12.78 3.38
CA ILE B 64 -3.05 13.03 2.13
C ILE B 64 -3.97 13.52 1.04
N ARG B 65 -3.43 14.37 0.15
CA ARG B 65 -4.23 14.90 -0.95
C ARG B 65 -4.66 13.78 -1.89
N ASN B 66 -5.82 14.00 -2.50
CA ASN B 66 -6.42 13.11 -3.47
C ASN B 66 -5.83 13.42 -4.86
N VAL B 67 -4.54 13.18 -4.99
CA VAL B 67 -3.82 13.35 -6.24
C VAL B 67 -2.98 12.07 -6.34
N GLY B 68 -3.05 11.41 -7.50
CA GLY B 68 -2.38 10.10 -7.71
C GLY B 68 -0.94 10.07 -7.23
N LYS B 69 -0.16 11.09 -7.55
CA LYS B 69 1.25 11.16 -7.13
C LYS B 69 1.40 11.00 -5.63
N TYR B 70 0.60 11.75 -4.89
CA TYR B 70 0.64 11.74 -3.46
C TYR B 70 0.03 10.45 -2.85
N ARG B 71 -1.02 9.94 -3.46
CA ARG B 71 -1.61 8.72 -3.00
C ARG B 71 -0.58 7.61 -3.09
N GLU B 72 0.15 7.52 -4.21
CA GLU B 72 1.16 6.43 -4.41
C GLU B 72 2.29 6.51 -3.41
N ALA B 73 2.86 7.69 -3.24
CA ALA B 73 3.85 7.90 -2.20
C ALA B 73 3.32 7.46 -0.82
N ALA B 74 2.08 7.80 -0.45
CA ALA B 74 1.61 7.44 0.90
C ALA B 74 1.55 5.91 1.11
N ARG B 75 1.25 5.18 0.05
CA ARG B 75 1.27 3.74 0.15
C ARG B 75 2.68 3.15 0.49
N LEU B 76 3.75 3.75 -0.03
CA LEU B 76 5.09 3.32 0.32
C LEU B 76 5.42 3.65 1.76
N GLU B 77 5.01 4.83 2.18
CA GLU B 77 5.18 5.33 3.52
C GLU B 77 4.54 4.43 4.53
N ILE B 78 3.31 3.99 4.25
CA ILE B 78 2.59 3.02 5.10
C ILE B 78 3.38 1.70 5.25
N ASN B 79 4.03 1.26 4.18
CA ASN B 79 4.88 0.05 4.19
C ASN B 79 6.09 0.27 5.10
N VAL B 80 6.74 1.44 5.02
CA VAL B 80 7.82 1.72 5.99
C VAL B 80 7.28 1.77 7.41
N LEU B 81 6.13 2.41 7.62
CA LEU B 81 5.56 2.50 8.97
C LEU B 81 5.16 1.17 9.56
N LYS B 82 4.67 0.28 8.72
CA LYS B 82 4.37 -1.11 9.16
C LYS B 82 5.65 -1.87 9.59
N LYS B 83 6.72 -1.73 8.82
CA LYS B 83 7.99 -2.31 9.18
C LYS B 83 8.51 -1.82 10.56
N ILE B 84 8.49 -0.51 10.76
CA ILE B 84 8.88 0.07 12.03
C ILE B 84 8.02 -0.48 13.17
N LYS B 85 6.71 -0.52 12.98
CA LYS B 85 5.81 -0.97 14.03
C LYS B 85 6.16 -2.42 14.36
N GLU B 86 6.36 -3.22 13.33
CA GLU B 86 6.71 -4.63 13.52
C GLU B 86 8.00 -4.83 14.31
N LYS B 87 9.02 -4.01 14.04
CA LYS B 87 10.34 -4.21 14.68
C LYS B 87 10.54 -3.45 15.99
N ASP B 88 9.67 -2.52 16.32
CA ASP B 88 9.76 -1.83 17.58
C ASP B 88 8.60 -2.30 18.46
N LYS B 89 8.72 -3.53 18.92
CA LYS B 89 7.69 -4.18 19.68
C LYS B 89 7.37 -3.40 20.95
N GLU B 90 8.41 -2.84 21.55
CA GLU B 90 8.30 -2.22 22.85
C GLU B 90 8.30 -0.69 22.83
N ASN B 91 7.94 -0.09 21.71
CA ASN B 91 7.87 1.38 21.60
C ASN B 91 9.10 2.07 22.19
N LYS B 92 10.26 1.77 21.65
CA LYS B 92 11.53 2.09 22.29
C LYS B 92 12.48 2.90 21.40
N PHE B 93 12.23 2.92 20.10
CA PHE B 93 13.19 3.48 19.15
C PHE B 93 12.85 4.87 18.64
N LEU B 94 11.79 5.48 19.20
CA LEU B 94 11.53 6.90 19.03
C LEU B 94 11.15 7.28 17.58
N CYS B 95 10.77 6.31 16.78
CA CYS B 95 10.18 6.60 15.47
C CYS B 95 8.64 6.53 15.67
N VAL B 96 7.89 7.40 15.00
CA VAL B 96 6.45 7.43 15.20
C VAL B 96 5.79 6.10 14.87
N LEU B 97 4.85 5.74 15.73
CA LEU B 97 4.15 4.46 15.61
C LEU B 97 2.71 4.70 15.17
N MET B 98 2.46 4.24 13.96
CA MET B 98 1.18 4.30 13.28
C MET B 98 0.20 3.40 14.05
N SER B 99 -0.98 3.92 14.38
CA SER B 99 -2.01 3.07 14.99
C SER B 99 -3.06 2.62 13.98
N ASP B 100 -3.22 3.32 12.86
CA ASP B 100 -4.20 2.89 11.87
C ASP B 100 -3.88 3.59 10.57
N TRP B 101 -4.41 3.08 9.47
CA TRP B 101 -4.34 3.77 8.20
C TRP B 101 -5.52 3.37 7.38
N PHE B 102 -5.96 4.25 6.48
CA PHE B 102 -7.07 3.95 5.59
C PHE B 102 -7.16 4.88 4.37
N ASN B 103 -8.05 4.53 3.45
CA ASN B 103 -8.37 5.33 2.26
C ASN B 103 -9.77 5.86 2.45
N PHE B 104 -9.87 7.17 2.73
CA PHE B 104 -11.14 7.88 2.80
C PHE B 104 -11.32 8.61 1.45
N HIS B 105 -12.07 7.97 0.55
CA HIS B 105 -12.44 8.54 -0.76
C HIS B 105 -11.32 9.04 -1.60
N GLY B 106 -10.21 8.30 -1.67
CA GLY B 106 -9.04 8.77 -2.45
C GLY B 106 -7.97 9.43 -1.58
N HIS B 107 -8.37 9.88 -0.39
CA HIS B 107 -7.36 10.41 0.56
C HIS B 107 -6.80 9.35 1.46
N MET B 108 -5.52 9.06 1.34
CA MET B 108 -4.91 8.15 2.32
C MET B 108 -4.74 8.88 3.65
N CYS B 109 -5.05 8.17 4.73
CA CYS B 109 -5.05 8.73 6.05
C CYS B 109 -4.27 7.81 6.97
N ILE B 110 -3.42 8.38 7.80
CA ILE B 110 -2.56 7.64 8.76
C ILE B 110 -2.74 8.26 10.12
N ALA B 111 -3.07 7.42 11.11
CA ALA B 111 -3.29 7.84 12.49
C ALA B 111 -2.04 7.62 13.27
N PHE B 112 -1.70 8.62 14.08
CA PHE B 112 -0.57 8.58 15.03
C PHE B 112 -0.98 9.07 16.41
N GLU B 113 -0.12 8.87 17.40
CA GLU B 113 -0.35 9.51 18.71
C GLU B 113 -0.17 11.02 18.56
N LEU B 114 -0.89 11.82 19.40
CA LEU B 114 -0.76 13.28 19.35
C LEU B 114 0.56 13.75 19.99
N LEU B 115 1.32 14.55 19.27
CA LEU B 115 2.63 14.98 19.75
C LEU B 115 2.58 16.48 19.77
N GLY B 116 3.71 17.12 20.09
CA GLY B 116 3.78 18.60 20.10
C GLY B 116 4.42 19.21 18.87
N LYS B 117 5.04 20.38 19.07
CA LYS B 117 5.66 21.13 18.02
C LYS B 117 6.88 20.47 17.45
N ASN B 118 7.00 20.61 16.14
CA ASN B 118 8.26 20.29 15.46
C ASN B 118 9.38 21.24 15.92
N THR B 119 10.58 20.69 15.92
CA THR B 119 11.74 21.36 16.43
C THR B 119 12.06 22.58 15.64
N PHE B 120 11.59 22.68 14.40
CA PHE B 120 11.83 23.88 13.61
C PHE B 120 10.82 24.97 14.05
N GLU B 121 9.56 24.59 14.20
CA GLU B 121 8.51 25.55 14.62
C GLU B 121 8.83 26.09 15.99
N PHE B 122 9.24 25.21 16.91
CA PHE B 122 9.67 25.68 18.23
C PHE B 122 10.82 26.73 18.15
N LEU B 123 11.81 26.44 17.32
CA LEU B 123 12.96 27.33 17.12
C LEU B 123 12.55 28.71 16.51
N LYS B 124 11.76 28.70 15.45
CA LYS B 124 11.17 29.92 14.90
C LYS B 124 10.35 30.75 15.94
N GLU B 125 9.50 30.07 16.73
CA GLU B 125 8.73 30.71 17.80
C GLU B 125 9.62 31.31 18.84
N ASN B 126 10.87 30.88 18.94
CA ASN B 126 11.80 31.40 19.96
C ASN B 126 12.76 32.42 19.32
N ASN B 127 12.31 33.04 18.22
CA ASN B 127 13.10 34.01 17.42
C ASN B 127 14.44 33.48 16.90
N PHE B 128 14.47 32.18 16.62
CA PHE B 128 15.69 31.52 16.16
C PHE B 128 16.83 31.61 17.13
N GLN B 129 16.55 31.85 18.40
CA GLN B 129 17.61 31.73 19.40
CA GLN B 129 17.58 31.73 19.44
C GLN B 129 17.82 30.21 19.60
N PRO B 130 19.08 29.79 19.62
CA PRO B 130 19.39 28.37 19.62
C PRO B 130 19.06 27.62 20.90
N TYR B 131 18.96 26.29 20.80
CA TYR B 131 18.73 25.43 21.92
C TYR B 131 19.99 25.41 22.75
N PRO B 132 19.85 25.33 24.07
CA PRO B 132 21.02 25.20 24.89
C PRO B 132 21.75 23.85 24.69
N LEU B 133 23.07 23.87 24.91
CA LEU B 133 23.92 22.69 24.72
C LEU B 133 23.31 21.39 25.27
N PRO B 134 22.87 21.36 26.56
CA PRO B 134 22.27 20.12 27.05
C PRO B 134 21.06 19.68 26.33
N HIS B 135 20.31 20.61 25.76
CA HIS B 135 19.17 20.21 24.95
C HIS B 135 19.58 19.62 23.61
N VAL B 136 20.61 20.22 22.98
CA VAL B 136 21.21 19.68 21.76
C VAL B 136 21.77 18.25 21.92
N ARG B 137 22.44 17.99 23.05
CA ARG B 137 22.99 16.67 23.38
C ARG B 137 21.91 15.60 23.55
N HIS B 138 20.86 15.93 24.29
CA HIS B 138 19.78 14.97 24.42
C HIS B 138 19.10 14.72 23.07
N MET B 139 18.85 15.79 22.31
CA MET B 139 18.26 15.64 20.96
C MET B 139 19.20 14.85 20.00
N ALA B 140 20.46 15.21 19.97
CA ALA B 140 21.42 14.44 19.21
C ALA B 140 21.35 12.94 19.53
N TYR B 141 21.34 12.63 20.81
CA TYR B 141 21.42 11.25 21.22
C TYR B 141 20.20 10.47 20.75
N GLN B 142 19.04 11.06 20.91
CA GLN B 142 17.81 10.45 20.51
C GLN B 142 17.72 10.25 18.98
N LEU B 143 18.24 11.20 18.22
CA LEU B 143 18.24 11.04 16.78
C LEU B 143 19.16 9.93 16.33
N CYS B 144 20.35 9.82 16.97
CA CYS B 144 21.31 8.75 16.62
C CYS B 144 20.74 7.38 16.94
N HIS B 145 20.07 7.28 18.07
CA HIS B 145 19.40 6.05 18.50
C HIS B 145 18.32 5.66 17.58
N ALA B 146 17.47 6.60 17.17
CA ALA B 146 16.35 6.30 16.28
C ALA B 146 16.78 5.91 14.84
N LEU B 147 17.76 6.64 14.26
CA LEU B 147 18.18 6.34 12.91
C LEU B 147 19.11 5.09 12.88
N ARG B 148 19.84 4.80 13.95
CA ARG B 148 20.60 3.55 14.01
CA ARG B 148 20.61 3.55 14.05
C ARG B 148 19.65 2.39 13.89
N PHE B 149 18.55 2.45 14.63
CA PHE B 149 17.46 1.46 14.53
C PHE B 149 16.93 1.35 13.09
N LEU B 150 16.70 2.50 12.44
CA LEU B 150 16.24 2.48 11.03
C LEU B 150 17.30 1.85 10.07
N HIS B 151 18.56 2.23 10.28
CA HIS B 151 19.67 1.72 9.49
C HIS B 151 19.92 0.21 9.65
N GLU B 152 19.71 -0.34 10.85
CA GLU B 152 19.82 -1.79 11.10
C GLU B 152 18.67 -2.60 10.42
N ASN B 153 17.61 -1.91 10.00
CA ASN B 153 16.57 -2.55 9.27
C ASN B 153 16.55 -2.22 7.77
N GLN B 154 17.76 -2.04 7.21
CA GLN B 154 17.97 -1.85 5.77
C GLN B 154 17.12 -0.66 5.22
N LEU B 155 17.04 0.43 5.99
CA LEU B 155 16.26 1.63 5.58
C LEU B 155 17.14 2.88 5.73
N THR B 156 16.86 3.86 4.86
CA THR B 156 17.52 5.17 4.89
C THR B 156 16.39 6.16 4.82
N HIS B 157 16.44 7.17 5.66
CA HIS B 157 15.31 8.14 5.75
C HIS B 157 15.31 9.04 4.50
N THR B 158 16.48 9.59 4.22
CA THR B 158 16.82 10.43 3.07
C THR B 158 16.32 11.85 3.13
N ASP B 159 15.42 12.19 4.04
CA ASP B 159 15.00 13.56 4.11
C ASP B 159 14.95 14.11 5.53
N LEU B 160 16.00 13.91 6.29
CA LEU B 160 16.01 14.41 7.68
C LEU B 160 16.18 15.93 7.75
N LYS B 161 15.32 16.58 8.50
CA LYS B 161 15.42 18.02 8.77
C LYS B 161 14.60 18.34 10.01
N PRO B 162 14.86 19.51 10.62
CA PRO B 162 14.22 19.81 11.91
C PRO B 162 12.73 19.70 11.89
N GLU B 163 12.10 20.08 10.78
CA GLU B 163 10.63 20.04 10.77
C GLU B 163 10.02 18.61 10.77
N ASN B 164 10.84 17.60 10.47
CA ASN B 164 10.42 16.19 10.58
C ASN B 164 10.62 15.57 11.95
N ILE B 165 11.22 16.34 12.87
CA ILE B 165 11.47 15.86 14.23
CA ILE B 165 11.50 15.89 14.25
C ILE B 165 10.60 16.67 15.20
N LEU B 166 9.72 15.97 15.96
CA LEU B 166 8.72 16.63 16.85
C LEU B 166 9.01 16.33 18.31
N PHE B 167 8.80 17.36 19.14
CA PHE B 167 8.74 17.18 20.59
C PHE B 167 7.51 16.35 21.00
N VAL B 168 7.69 15.50 22.00
CA VAL B 168 6.59 14.74 22.57
C VAL B 168 5.70 15.74 23.25
N ASN B 169 6.27 16.71 23.92
CA ASN B 169 5.47 17.77 24.54
C ASN B 169 6.27 19.05 24.51
N SER B 170 5.78 20.05 23.77
CA SER B 170 6.52 21.28 23.53
C SER B 170 6.19 22.41 24.54
N GLU B 171 5.58 22.11 25.70
CA GLU B 171 5.44 23.16 26.74
C GLU B 171 6.81 23.71 27.10
N PHE B 172 6.87 25.02 27.36
CA PHE B 172 8.14 25.71 27.66
C PHE B 172 8.06 26.62 28.91
N GLU B 173 9.22 26.99 29.37
CA GLU B 173 9.34 28.04 30.37
CA GLU B 173 9.34 28.04 30.37
C GLU B 173 10.05 29.20 29.68
N THR B 174 9.82 30.39 30.18
CA THR B 174 10.39 31.60 29.66
C THR B 174 11.39 32.16 30.63
N LEU B 175 12.60 32.37 30.15
CA LEU B 175 13.70 32.85 30.95
C LEU B 175 14.23 34.16 30.36
N TYR B 176 14.96 34.91 31.18
CA TYR B 176 15.63 36.14 30.78
C TYR B 176 17.13 35.86 30.55
N ASN B 177 17.64 36.41 29.45
CA ASN B 177 19.04 36.28 29.10
C ASN B 177 19.67 37.62 29.41
N GLU B 178 20.70 37.64 30.25
CA GLU B 178 21.44 38.89 30.54
C GLU B 178 22.48 39.16 29.45
N HIS B 179 23.34 38.18 29.17
CA HIS B 179 24.28 38.25 28.04
C HIS B 179 23.68 38.98 26.86
N LYS B 180 22.40 38.70 26.54
CA LYS B 180 21.74 39.27 25.32
C LYS B 180 20.46 40.08 25.57
N SER B 181 20.25 40.50 26.82
CA SER B 181 19.07 41.31 27.27
C SER B 181 17.77 41.08 26.50
N CYS B 182 17.14 39.92 26.74
CA CYS B 182 15.90 39.51 26.07
C CYS B 182 15.36 38.21 26.70
N GLU B 183 14.14 37.86 26.34
CA GLU B 183 13.51 36.63 26.85
C GLU B 183 13.89 35.45 25.95
N GLU B 184 13.93 34.25 26.56
CA GLU B 184 14.18 32.98 25.86
C GLU B 184 13.17 31.90 26.28
N LYS B 185 12.76 31.03 25.35
CA LYS B 185 11.86 29.90 25.67
C LYS B 185 12.66 28.60 25.77
N SER B 186 12.48 27.86 26.86
CA SER B 186 13.17 26.61 27.08
C SER B 186 12.17 25.49 27.17
N VAL B 187 12.29 24.48 26.31
CA VAL B 187 11.34 23.39 26.36
C VAL B 187 11.53 22.72 27.73
N LYS B 188 10.41 22.32 28.35
CA LYS B 188 10.48 21.61 29.64
C LYS B 188 10.91 20.14 29.49
N ASN B 189 10.59 19.51 28.37
CA ASN B 189 10.99 18.12 28.08
C ASN B 189 11.51 17.99 26.65
N THR B 190 12.76 17.55 26.51
CA THR B 190 13.36 17.46 25.20
C THR B 190 13.15 16.05 24.54
N SER B 191 12.17 15.26 24.98
CA SER B 191 11.92 14.00 24.27
C SER B 191 11.44 14.32 22.86
N ILE B 192 11.94 13.58 21.87
CA ILE B 192 11.53 13.82 20.51
C ILE B 192 11.08 12.52 19.84
N ARG B 193 10.45 12.66 18.67
CA ARG B 193 10.14 11.52 17.76
C ARG B 193 10.48 11.89 16.33
N VAL B 194 10.92 10.90 15.55
CA VAL B 194 11.24 11.09 14.14
C VAL B 194 9.95 10.77 13.46
N ALA B 195 9.47 11.77 12.71
N ALA B 195 9.36 11.76 12.78
CA ALA B 195 8.28 11.65 11.90
CA ALA B 195 7.90 11.76 12.62
C ALA B 195 8.60 11.76 10.42
C ALA B 195 7.33 11.61 11.19
N ASP B 196 7.53 11.75 9.64
N ASP B 196 8.20 11.49 10.18
CA ASP B 196 7.63 11.61 8.22
CA ASP B 196 7.77 11.35 8.77
C ASP B 196 8.63 10.52 7.89
C ASP B 196 8.69 10.37 8.04
N PHE B 197 8.13 9.51 7.19
CA PHE B 197 8.91 8.53 6.48
C PHE B 197 8.47 8.45 5.01
N GLY B 198 8.00 9.55 4.47
CA GLY B 198 7.50 9.57 3.12
C GLY B 198 8.53 9.45 2.02
N SER B 199 9.81 9.60 2.35
CA SER B 199 10.82 9.33 1.34
C SER B 199 11.73 8.15 1.67
N ALA B 200 11.49 7.50 2.82
CA ALA B 200 12.39 6.44 3.33
C ALA B 200 12.51 5.27 2.35
N THR B 201 13.72 4.77 2.15
CA THR B 201 13.96 3.85 1.04
C THR B 201 14.67 2.61 1.54
N PHE B 202 14.18 1.41 1.16
CA PHE B 202 14.85 0.14 1.59
C PHE B 202 16.08 -0.04 0.76
N ASP B 203 17.03 -0.80 1.29
CA ASP B 203 18.25 -1.07 0.58
C ASP B 203 17.96 -1.65 -0.81
N HIS B 204 16.98 -2.53 -0.93
CA HIS B 204 16.73 -3.18 -2.23
C HIS B 204 15.99 -2.32 -3.23
N GLU B 205 15.49 -1.16 -2.84
CA GLU B 205 14.70 -0.35 -3.80
C GLU B 205 15.59 0.46 -4.67
N HIS B 206 15.02 0.88 -5.80
CA HIS B 206 15.63 1.84 -6.67
C HIS B 206 16.08 3.10 -5.95
N HIS B 207 17.32 3.53 -6.18
CA HIS B 207 17.85 4.73 -5.56
C HIS B 207 17.92 5.83 -6.58
N THR B 208 17.10 6.87 -6.39
CA THR B 208 17.13 8.04 -7.26
C THR B 208 18.46 8.72 -7.13
N THR B 209 18.85 9.39 -8.22
CA THR B 209 20.03 10.20 -8.24
C THR B 209 20.06 11.26 -7.10
N ILE B 210 19.00 12.06 -6.99
CA ILE B 210 18.92 13.14 -6.00
C ILE B 210 17.89 12.79 -4.90
N VAL B 211 18.32 12.91 -3.63
CA VAL B 211 17.48 12.81 -2.44
C VAL B 211 17.83 13.99 -1.48
N ALA B 212 17.05 14.11 -0.40
CA ALA B 212 17.27 15.15 0.65
C ALA B 212 16.87 16.54 0.21
N THR B 213 16.56 17.38 1.18
CA THR B 213 16.24 18.81 0.95
C THR B 213 17.63 19.44 0.76
N ARG B 214 17.78 20.39 -0.17
CA ARG B 214 19.13 20.86 -0.51
C ARG B 214 20.05 21.14 0.68
N HIS B 215 19.54 21.85 1.69
CA HIS B 215 20.38 22.30 2.82
C HIS B 215 21.00 21.17 3.58
N TYR B 216 20.35 20.02 3.58
CA TYR B 216 20.71 18.84 4.35
C TYR B 216 21.31 17.73 3.44
N ARG B 217 21.63 18.09 2.19
CA ARG B 217 21.98 17.14 1.16
C ARG B 217 23.49 16.94 1.17
N PRO B 218 23.94 15.67 1.07
CA PRO B 218 25.39 15.43 1.21
C PRO B 218 26.12 15.51 -0.11
N PRO B 219 27.44 15.61 -0.03
CA PRO B 219 28.25 15.78 -1.23
C PRO B 219 28.23 14.62 -2.20
N GLU B 220 28.08 13.40 -1.72
CA GLU B 220 27.93 12.23 -2.62
C GLU B 220 26.73 12.33 -3.53
N VAL B 221 25.63 12.88 -3.00
CA VAL B 221 24.43 13.08 -3.77
C VAL B 221 24.66 14.17 -4.79
N ILE B 222 25.30 15.28 -4.39
CA ILE B 222 25.58 16.37 -5.36
C ILE B 222 26.49 15.89 -6.53
N LEU B 223 27.51 15.11 -6.20
CA LEU B 223 28.41 14.59 -7.22
C LEU B 223 27.94 13.25 -7.85
N GLU B 224 26.73 12.82 -7.50
CA GLU B 224 26.09 11.64 -8.08
C GLU B 224 26.98 10.40 -8.00
N LEU B 225 27.59 10.23 -6.85
CA LEU B 225 28.41 9.09 -6.54
C LEU B 225 27.61 7.89 -5.98
N GLY B 226 26.28 8.02 -5.92
CA GLY B 226 25.38 7.10 -5.19
C GLY B 226 25.36 7.38 -3.71
N TRP B 227 24.37 6.84 -3.01
CA TRP B 227 24.20 7.05 -1.58
C TRP B 227 23.53 5.88 -0.93
N ALA B 228 23.62 5.88 0.39
CA ALA B 228 22.96 4.91 1.21
C ALA B 228 22.78 5.56 2.58
N GLN B 229 22.83 4.74 3.62
CA GLN B 229 22.66 5.18 5.01
C GLN B 229 23.57 6.35 5.47
N PRO B 230 24.78 6.45 4.99
CA PRO B 230 25.52 7.67 5.39
C PRO B 230 24.94 9.01 4.98
N CYS B 231 24.07 9.04 3.98
CA CYS B 231 23.29 10.24 3.68
C CYS B 231 22.64 10.86 4.91
N ASP B 232 21.97 10.01 5.70
CA ASP B 232 21.30 10.39 6.98
C ASP B 232 22.26 10.95 8.01
N VAL B 233 23.48 10.40 8.09
CA VAL B 233 24.41 10.90 9.13
C VAL B 233 24.81 12.38 8.82
N TRP B 234 24.95 12.69 7.53
CA TRP B 234 25.34 14.02 7.05
C TRP B 234 24.25 14.99 7.41
N SER B 235 23.00 14.60 7.12
CA SER B 235 21.88 15.43 7.46
C SER B 235 21.77 15.69 8.98
N ILE B 236 22.09 14.67 9.78
CA ILE B 236 22.07 14.86 11.24
C ILE B 236 23.14 15.89 11.64
N GLY B 237 24.33 15.80 11.08
CA GLY B 237 25.34 16.79 11.34
C GLY B 237 24.79 18.19 11.13
N CYS B 238 24.18 18.45 9.95
CA CYS B 238 23.63 19.76 9.64
C CYS B 238 22.57 20.15 10.62
N ILE B 239 21.77 19.17 11.05
CA ILE B 239 20.70 19.46 12.00
C ILE B 239 21.24 19.89 13.34
N LEU B 240 22.25 19.19 13.81
CA LEU B 240 22.81 19.48 15.13
C LEU B 240 23.31 20.92 15.13
N PHE B 241 23.90 21.36 14.00
CA PHE B 241 24.50 22.66 13.88
C PHE B 241 23.43 23.71 13.93
N GLU B 242 22.34 23.45 13.25
CA GLU B 242 21.18 24.33 13.28
C GLU B 242 20.51 24.45 14.64
N TYR B 243 20.39 23.34 15.35
CA TYR B 243 19.89 23.42 16.74
C TYR B 243 20.81 24.19 17.65
N TYR B 244 22.11 24.16 17.37
CA TYR B 244 23.12 24.81 18.23
C TYR B 244 23.33 26.32 18.02
N ARG B 245 23.28 26.78 16.76
CA ARG B 245 23.44 28.19 16.42
C ARG B 245 22.11 28.83 16.09
N GLY B 246 21.13 28.03 15.72
CA GLY B 246 19.86 28.59 15.38
C GLY B 246 19.71 29.01 13.92
N PHE B 247 20.78 28.93 13.15
CA PHE B 247 20.75 29.16 11.70
C PHE B 247 21.33 27.95 10.89
N THR B 248 20.99 27.91 9.63
CA THR B 248 21.31 26.78 8.76
C THR B 248 22.77 26.77 8.48
N LEU B 249 23.37 25.59 8.41
CA LEU B 249 24.80 25.50 8.14
C LEU B 249 25.13 25.88 6.70
N PHE B 250 24.35 25.33 5.78
CA PHE B 250 24.51 25.64 4.36
C PHE B 250 23.26 26.34 3.83
N GLN B 251 23.29 27.68 3.82
CA GLN B 251 22.19 28.48 3.33
C GLN B 251 22.34 28.71 1.84
N THR B 252 22.01 27.73 1.02
CA THR B 252 22.43 27.76 -0.37
C THR B 252 21.29 27.41 -1.30
N HIS B 253 21.45 27.73 -2.56
CA HIS B 253 20.43 27.45 -3.56
C HIS B 253 20.93 26.79 -4.81
N GLU B 254 22.24 26.54 -4.92
CA GLU B 254 22.76 25.81 -6.05
C GLU B 254 24.05 25.06 -5.74
N ASN B 255 24.30 24.04 -6.60
CA ASN B 255 25.35 23.05 -6.39
C ASN B 255 26.78 23.53 -6.22
N ARG B 256 27.25 24.36 -7.15
CA ARG B 256 28.61 24.77 -7.15
C ARG B 256 28.80 25.60 -5.90
N GLU B 257 27.88 26.52 -5.69
CA GLU B 257 27.86 27.30 -4.48
C GLU B 257 27.90 26.41 -3.21
N HIS B 258 27.06 25.39 -3.17
CA HIS B 258 26.98 24.46 -2.01
C HIS B 258 28.30 23.77 -1.77
N LEU B 259 28.93 23.33 -2.84
CA LEU B 259 30.27 22.72 -2.72
C LEU B 259 31.38 23.69 -2.27
N VAL B 260 31.34 24.94 -2.73
CA VAL B 260 32.33 25.90 -2.24
C VAL B 260 32.17 26.07 -0.70
N MET B 261 30.94 26.19 -0.24
CA MET B 261 30.65 26.34 1.22
C MET B 261 31.21 25.16 1.98
N MET B 262 30.99 23.97 1.46
CA MET B 262 31.54 22.76 2.07
C MET B 262 33.04 22.84 2.20
N GLU B 263 33.74 23.36 1.19
CA GLU B 263 35.20 23.45 1.27
C GLU B 263 35.63 24.54 2.24
N LYS B 264 34.93 25.68 2.24
CA LYS B 264 35.26 26.75 3.17
C LYS B 264 35.03 26.32 4.64
N ILE B 265 33.99 25.51 4.86
CA ILE B 265 33.63 25.16 6.22
C ILE B 265 34.42 23.97 6.71
N LEU B 266 34.70 23.01 5.82
CA LEU B 266 35.13 21.66 6.25
C LEU B 266 36.46 21.24 5.68
N GLY B 267 36.96 21.97 4.69
CA GLY B 267 38.17 21.56 4.01
C GLY B 267 37.98 21.11 2.58
N PRO B 268 39.09 20.82 1.90
CA PRO B 268 38.99 20.41 0.51
C PRO B 268 38.33 19.03 0.35
N ILE B 269 37.59 18.91 -0.75
CA ILE B 269 36.93 17.66 -1.16
C ILE B 269 38.04 16.64 -1.49
N PRO B 270 38.04 15.44 -0.90
CA PRO B 270 39.15 14.53 -1.26
C PRO B 270 39.25 14.22 -2.77
N SER B 271 40.49 14.18 -3.28
CA SER B 271 40.80 13.92 -4.69
C SER B 271 40.12 12.69 -5.28
N HIS B 272 39.97 11.65 -4.46
CA HIS B 272 39.39 10.42 -4.97
C HIS B 272 37.94 10.56 -5.39
N MET B 273 37.22 11.47 -4.75
CA MET B 273 35.84 11.75 -5.13
C MET B 273 35.76 12.61 -6.42
N ILE B 274 36.69 13.54 -6.56
CA ILE B 274 36.78 14.35 -7.75
C ILE B 274 37.03 13.49 -9.01
N HIS B 275 37.95 12.52 -8.91
CA HIS B 275 38.24 11.61 -10.07
C HIS B 275 37.05 10.72 -10.42
N ARG B 276 36.21 10.42 -9.45
CA ARG B 276 35.12 9.45 -9.67
C ARG B 276 33.88 10.08 -10.16
N THR B 277 33.64 11.34 -9.87
CA THR B 277 32.38 11.95 -10.21
C THR B 277 32.32 12.22 -11.68
N ARG B 278 31.16 12.02 -12.28
CA ARG B 278 30.96 12.41 -13.66
C ARG B 278 30.66 13.91 -13.77
N LYS B 279 30.46 14.59 -12.65
CA LYS B 279 30.02 15.98 -12.68
C LYS B 279 31.24 16.91 -12.78
N GLN B 280 31.99 16.83 -13.89
CA GLN B 280 33.27 17.49 -13.98
C GLN B 280 33.20 19.00 -14.22
N LYS B 281 32.03 19.51 -14.65
CA LYS B 281 31.83 20.97 -14.76
C LYS B 281 32.08 21.77 -13.45
N TYR B 282 32.15 21.10 -12.31
CA TYR B 282 32.45 21.80 -11.07
C TYR B 282 33.92 21.96 -10.86
N PHE B 283 34.71 21.31 -11.71
CA PHE B 283 36.13 21.13 -11.42
C PHE B 283 37.00 21.59 -12.56
N TYR B 284 38.18 22.09 -12.22
CA TYR B 284 39.19 22.49 -13.21
C TYR B 284 40.59 22.20 -12.60
N LYS B 285 41.43 21.47 -13.34
CA LYS B 285 42.76 21.04 -12.87
C LYS B 285 42.71 20.44 -11.48
N GLY B 286 41.70 19.61 -11.26
CA GLY B 286 41.60 18.81 -10.02
C GLY B 286 40.93 19.50 -8.85
N GLY B 287 40.46 20.73 -9.07
CA GLY B 287 39.94 21.54 -7.97
C GLY B 287 38.63 22.19 -8.31
N LEU B 288 37.86 22.46 -7.26
CA LEU B 288 36.61 23.15 -7.39
C LEU B 288 36.89 24.49 -8.07
N VAL B 289 36.12 24.81 -9.12
CA VAL B 289 36.26 26.07 -9.87
C VAL B 289 34.98 26.92 -9.75
N TRP B 290 35.15 28.22 -9.54
CA TRP B 290 33.99 29.08 -9.27
C TRP B 290 34.37 30.50 -9.50
N ASP B 291 33.36 31.36 -9.57
CA ASP B 291 33.55 32.78 -9.82
C ASP B 291 33.59 33.48 -8.47
N GLU B 292 34.77 33.90 -8.05
CA GLU B 292 34.87 34.67 -6.80
C GLU B 292 34.10 35.99 -6.82
N ASN B 293 33.94 36.58 -8.00
CA ASN B 293 33.36 37.92 -8.15
C ASN B 293 31.84 37.94 -8.32
N SER B 294 31.21 36.78 -8.44
CA SER B 294 29.76 36.74 -8.61
C SER B 294 29.07 37.00 -7.29
N SER B 295 27.78 37.30 -7.33
CA SER B 295 26.95 37.41 -6.12
C SER B 295 27.17 36.26 -5.13
N ASP B 296 27.08 35.04 -5.62
CA ASP B 296 27.19 33.89 -4.74
C ASP B 296 28.62 33.75 -4.22
N GLY B 297 29.61 34.08 -5.06
CA GLY B 297 31.02 33.94 -4.67
C GLY B 297 31.46 34.89 -3.59
N ARG B 298 31.05 36.15 -3.74
CA ARG B 298 31.20 37.14 -2.66
C ARG B 298 30.40 36.77 -1.42
N TYR B 299 29.19 36.25 -1.60
CA TYR B 299 28.41 35.82 -0.42
C TYR B 299 29.19 34.76 0.41
N VAL B 300 29.61 33.67 -0.25
CA VAL B 300 30.28 32.60 0.49
C VAL B 300 31.57 33.07 1.15
N LYS B 301 32.31 33.93 0.48
CA LYS B 301 33.60 34.45 1.01
C LYS B 301 33.45 35.31 2.29
N GLU B 302 32.36 36.10 2.36
CA GLU B 302 32.11 36.96 3.52
C GLU B 302 31.51 36.18 4.70
N ASN B 303 30.76 35.12 4.40
CA ASN B 303 29.87 34.49 5.36
C ASN B 303 30.25 33.05 5.83
N CYS B 304 31.09 32.32 5.07
CA CYS B 304 31.37 30.88 5.38
C CYS B 304 32.79 30.74 5.95
N LYS B 305 32.86 30.33 7.21
CA LYS B 305 34.10 30.24 7.96
C LYS B 305 34.38 28.80 8.39
N PRO B 306 35.59 28.52 8.88
CA PRO B 306 35.88 27.17 9.33
C PRO B 306 34.93 26.70 10.44
N LEU B 307 34.49 25.43 10.35
CA LEU B 307 33.48 24.89 11.29
C LEU B 307 33.73 25.29 12.74
N LYS B 308 34.96 25.15 13.18
CA LYS B 308 35.36 25.44 14.56
C LYS B 308 35.04 26.85 15.01
N SER B 309 35.09 27.82 14.10
CA SER B 309 34.87 29.23 14.53
C SER B 309 33.42 29.48 14.95
N TYR B 310 32.52 28.55 14.66
CA TYR B 310 31.15 28.68 15.11
C TYR B 310 30.92 28.21 16.54
N MET B 311 31.92 27.68 17.23
CA MET B 311 31.74 27.32 18.66
C MET B 311 31.37 28.58 19.42
N LEU B 312 30.42 28.47 20.34
CA LEU B 312 29.96 29.60 21.13
C LEU B 312 30.71 29.73 22.48
N GLN B 313 31.27 28.63 23.00
CA GLN B 313 32.10 28.60 24.23
C GLN B 313 33.09 27.52 23.99
N ASP B 314 34.17 27.45 24.78
CA ASP B 314 35.19 26.42 24.49
C ASP B 314 35.51 25.37 25.56
N SER B 315 34.60 25.20 26.52
CA SER B 315 34.66 24.10 27.45
C SER B 315 34.53 22.73 26.73
N LEU B 316 34.77 21.66 27.50
CA LEU B 316 34.91 20.32 26.98
C LEU B 316 33.67 19.83 26.22
N GLU B 317 32.46 20.01 26.81
CA GLU B 317 31.20 19.56 26.16
C GLU B 317 30.99 20.26 24.74
N HIS B 318 31.42 21.51 24.59
CA HIS B 318 31.39 22.15 23.28
C HIS B 318 32.47 21.63 22.38
N VAL B 319 33.64 21.36 22.91
CA VAL B 319 34.66 20.80 22.04
C VAL B 319 34.19 19.45 21.51
N GLN B 320 33.59 18.64 22.37
CA GLN B 320 33.14 17.30 21.99
C GLN B 320 32.03 17.36 20.97
N LEU B 321 31.11 18.35 21.09
CA LEU B 321 30.01 18.44 20.15
C LEU B 321 30.56 18.65 18.75
N PHE B 322 31.56 19.52 18.63
CA PHE B 322 32.14 19.86 17.35
C PHE B 322 33.00 18.81 16.75
N ASP B 323 33.70 18.03 17.59
CA ASP B 323 34.36 16.81 17.12
C ASP B 323 33.33 15.81 16.49
N LEU B 324 32.25 15.54 17.20
CA LEU B 324 31.19 14.68 16.69
C LEU B 324 30.61 15.19 15.34
N MET B 325 30.19 16.46 15.29
CA MET B 325 29.71 17.08 14.04
C MET B 325 30.66 16.98 12.86
N ARG B 326 31.95 17.30 13.08
CA ARG B 326 32.99 17.13 12.07
C ARG B 326 32.98 15.65 11.55
N ARG B 327 32.82 14.70 12.48
CA ARG B 327 32.84 13.29 12.09
C ARG B 327 31.61 12.91 11.26
N MET B 328 30.52 13.59 11.55
CA MET B 328 29.28 13.37 10.82
C MET B 328 29.32 14.07 9.45
N LEU B 329 30.11 15.14 9.37
CA LEU B 329 30.21 15.90 8.17
C LEU B 329 31.50 15.54 7.39
N GLU B 330 31.94 14.28 7.44
CA GLU B 330 33.07 13.83 6.55
C GLU B 330 32.63 13.80 5.10
N PHE B 331 33.47 14.27 4.18
CA PHE B 331 33.11 14.25 2.74
C PHE B 331 32.89 12.83 2.28
N ASP B 332 33.79 11.93 2.65
CA ASP B 332 33.75 10.60 2.09
C ASP B 332 32.79 9.72 2.93
N PRO B 333 31.67 9.29 2.33
CA PRO B 333 30.65 8.47 3.02
C PRO B 333 31.15 7.12 3.58
N ALA B 334 32.18 6.53 2.98
CA ALA B 334 32.79 5.36 3.59
C ALA B 334 33.51 5.70 4.88
N GLN B 335 34.03 6.91 5.01
CA GLN B 335 34.77 7.31 6.23
C GLN B 335 33.87 7.97 7.25
N ARG B 336 32.70 8.40 6.84
CA ARG B 336 31.82 9.12 7.75
C ARG B 336 31.44 8.21 8.91
N ILE B 337 31.35 8.81 10.10
CA ILE B 337 30.99 8.05 11.28
C ILE B 337 29.64 7.39 11.09
N THR B 338 29.50 6.15 11.57
CA THR B 338 28.19 5.52 11.56
C THR B 338 27.46 5.80 12.87
N LEU B 339 26.18 5.57 12.89
CA LEU B 339 25.39 5.94 14.08
C LEU B 339 25.66 5.05 15.28
N ALA B 340 25.96 3.79 15.03
CA ALA B 340 26.40 2.91 16.11
C ALA B 340 27.67 3.48 16.77
N GLU B 341 28.63 3.89 15.95
CA GLU B 341 29.86 4.53 16.45
C GLU B 341 29.56 5.86 17.12
N ALA B 342 28.64 6.66 16.57
CA ALA B 342 28.32 7.97 17.15
C ALA B 342 27.77 7.81 18.59
N LEU B 343 27.06 6.72 18.86
CA LEU B 343 26.41 6.58 20.16
C LEU B 343 27.43 6.31 21.25
N LEU B 344 28.64 5.97 20.86
CA LEU B 344 29.73 5.70 21.77
C LEU B 344 30.66 6.89 21.93
N HIS B 345 30.33 8.01 21.28
CA HIS B 345 31.20 9.16 21.32
C HIS B 345 31.16 9.80 22.69
N PRO B 346 32.32 10.30 23.17
CA PRO B 346 32.49 10.84 24.54
C PRO B 346 31.52 11.99 24.89
N PHE B 347 31.15 12.78 23.88
CA PHE B 347 30.14 13.84 24.01
C PHE B 347 28.93 13.38 24.79
N PHE B 348 28.52 12.12 24.60
CA PHE B 348 27.34 11.56 25.28
C PHE B 348 27.50 11.18 26.72
N ALA B 349 28.74 11.22 27.20
CA ALA B 349 28.98 11.02 28.61
C ALA B 349 28.30 12.14 29.42
N GLY B 350 28.00 13.28 28.79
CA GLY B 350 27.34 14.37 29.50
C GLY B 350 25.85 14.18 29.69
N LEU B 351 25.27 13.12 29.18
CA LEU B 351 23.84 12.89 29.47
C LEU B 351 23.58 12.52 30.96
N THR B 352 22.43 12.94 31.48
CA THR B 352 21.93 12.38 32.75
C THR B 352 21.51 10.92 32.53
N PRO B 353 21.47 10.13 33.61
CA PRO B 353 21.03 8.73 33.55
C PRO B 353 19.64 8.60 32.95
N GLU B 354 18.78 9.55 33.29
CA GLU B 354 17.42 9.63 32.80
C GLU B 354 17.38 9.83 31.29
N GLU B 355 18.22 10.71 30.77
CA GLU B 355 18.25 10.97 29.31
C GLU B 355 18.83 9.79 28.50
N ARG B 356 19.81 9.11 29.10
CA ARG B 356 20.46 7.97 28.50
C ARG B 356 19.54 6.76 28.34
N SER B 357 18.58 6.63 29.24
CA SER B 357 17.60 5.56 29.22
C SER B 357 16.30 5.84 28.46
N PHE B 358 16.06 7.10 28.11
CA PHE B 358 14.78 7.53 27.49
C PHE B 358 13.52 7.40 28.42
C1 EDO C . -1.95 -2.74 9.02
O1 EDO C . -0.61 -2.42 8.86
C2 EDO C . -2.21 -4.07 8.45
O2 EDO C . -3.27 -3.95 7.55
C1 EDO D . -6.36 -25.24 -13.31
O1 EDO D . -6.32 -26.68 -13.06
C2 EDO D . -6.74 -24.56 -12.02
O2 EDO D . -6.63 -23.17 -12.05
C1 EDO E . -35.08 -8.90 -11.39
O1 EDO E . -35.45 -10.26 -11.28
C2 EDO E . -33.75 -8.84 -12.11
O2 EDO E . -33.85 -8.80 -13.53
C1 EDO F . -18.63 8.87 -29.04
O1 EDO F . -17.37 8.89 -29.75
C2 EDO F . -19.68 8.25 -29.96
O2 EDO F . -21.01 8.22 -29.37
C1 EDO G . 0.88 -1.33 0.90
O1 EDO G . 2.11 -0.58 0.68
C2 EDO G . -0.20 -0.44 1.54
O2 EDO G . -1.11 0.14 0.58
CL CL H . -19.81 -7.94 -40.12
I IOD I . -2.87 -7.45 8.52
I IOD J . -16.87 1.92 -33.35
CL CL K . 7.21 -14.89 -7.05
I IOD L . -38.94 -19.00 -9.88
I IOD M . -12.28 -19.38 -27.12
I IOD N . -10.54 -17.29 5.22
I IOD O . 13.92 -11.70 6.39
I IOD P . -10.11 0.29 6.52
I IOD P . -9.64 1.31 3.84
C4 Q8T Q . -4.73 -16.25 -6.96
C5 Q8T Q . -7.07 -17.04 -7.25
C6 Q8T Q . -5.16 -18.37 -8.07
N1 Q8T Q . -4.49 -17.45 -3.35
C7 Q8T Q . -6.08 -19.57 -8.22
C8 Q8T Q . -4.69 -21.21 -7.09
N2 Q8T Q . -5.65 -17.27 -7.47
C9 Q8T Q . -4.92 -20.59 -5.87
C10 Q8T Q . -4.25 -21.03 -4.74
C11 Q8T Q . -3.39 -22.11 -4.83
C12 Q8T Q . -3.17 -22.74 -6.05
N3 Q8T Q . -3.69 -22.96 -8.48
C13 Q8T Q . -3.84 -22.31 -7.20
C14 Q8T Q . -2.88 -22.23 -9.45
C15 Q8T Q . -2.99 -22.87 -10.81
N4 Q8T Q . -2.56 -24.26 -10.76
C1 Q8T Q . -3.37 -16.77 -2.69
C24 Q8T Q . -5.59 -17.68 -2.41
C23 Q8T Q . -5.40 -18.57 -1.19
C25 Q8T Q . -4.98 -19.93 -1.28
C21 Q8T Q . -5.09 -20.49 -0.02
N8 Q8T Q . -5.49 -19.51 0.82
C22 Q8T Q . -5.67 -18.36 0.12
N7 Q8T Q . -4.93 -21.79 0.26
C20 Q8T Q . -4.67 -22.54 -0.81
N6 Q8T Q . -4.51 -22.16 -2.08
C19 Q8T Q . -4.66 -20.82 -2.28
N5 Q8T Q . -4.45 -20.33 -3.53
C18 Q8T Q . -3.32 -24.38 -8.45
C17 Q8T Q . -3.40 -24.99 -9.82
C16 Q8T Q . -2.65 -24.87 -12.12
O2 Q8T Q . -5.25 -20.77 -8.27
O1 Q8T Q . -3.97 -18.45 -8.41
C3 Q8T Q . -4.07 -16.71 -5.69
C2 Q8T Q . -5.00 -16.70 -4.50
C1 EDO R . 10.67 31.22 8.99
O1 EDO R . 11.01 30.37 7.91
C2 EDO R . 11.53 32.47 8.90
O2 EDO R . 10.71 33.63 9.13
C1 EDO S . -10.33 21.83 9.97
O1 EDO S . -10.58 21.37 11.28
C2 EDO S . -9.11 21.12 9.46
O2 EDO S . -8.73 21.78 8.25
C1 EDO T . 6.95 26.00 11.70
O1 EDO T . 6.59 27.40 11.70
C2 EDO T . 7.26 25.50 10.34
O2 EDO T . 7.24 24.10 10.39
C1 EDO U . 29.07 29.91 -7.44
O1 EDO U . 29.94 29.66 -6.33
C2 EDO U . 29.80 30.96 -8.27
O2 EDO U . 30.79 30.34 -9.12
C1 EDO V . 29.44 10.06 -17.47
O1 EDO V . 29.46 8.71 -17.00
C2 EDO V . 28.16 10.36 -18.23
O2 EDO V . 28.17 11.72 -18.67
CL CL W . 4.87 7.75 18.95
I IOD X . -16.83 6.87 6.35
CL CL Y . -5.96 16.88 2.26
I IOD Z . 36.32 14.44 21.58
I IOD AA . -1.98 -0.36 11.69
I IOD BA . 32.61 29.08 -12.66
I IOD CA . 18.92 30.09 0.21
I IOD DA . 28.89 17.76 -15.98
I IOD EA . 7.48 -4.85 5.52
I IOD EA . 6.65 -5.89 8.02
C4 Q8T FA . 4.57 15.87 8.27
C5 Q8T FA . 6.69 16.31 9.49
C6 Q8T FA . 5.07 18.11 8.95
N1 Q8T FA . 2.71 14.30 11.22
C7 Q8T FA . 5.82 19.04 9.88
C8 Q8T FA . 3.87 19.67 11.16
N2 Q8T FA . 5.47 16.83 8.92
C9 Q8T FA . 3.65 18.37 11.58
C10 Q8T FA . 2.58 18.07 12.41
C11 Q8T FA . 1.68 19.06 12.73
C12 Q8T FA . 1.88 20.37 12.33
N3 Q8T FA . 3.23 22.05 11.07
C13 Q8T FA . 2.99 20.70 11.54
C14 Q8T FA . 2.60 23.16 11.79
C15 Q8T FA . 3.24 24.47 11.39
N4 Q8T FA . 3.12 24.71 9.96
C1 Q8T FA . 1.50 13.57 10.83
C24 Q8T FA . 3.30 13.74 12.43
C23 Q8T FA . 2.50 13.71 13.70
C25 Q8T FA . 2.06 14.89 14.34
C21 Q8T FA . 1.53 14.53 15.58
N8 Q8T FA . 1.63 13.18 15.66
C22 Q8T FA . 2.18 12.69 14.53
N7 Q8T FA . 1.03 15.36 16.50
C20 Q8T FA . 1.09 16.64 16.13
N6 Q8T FA . 1.57 17.17 15.00
C19 Q8T FA . 2.04 16.29 14.09
N5 Q8T FA . 2.45 16.75 12.88
C18 Q8T FA . 3.02 22.27 9.63
C17 Q8T FA . 3.67 23.57 9.21
C16 Q8T FA . 3.81 25.95 9.58
O2 Q8T FA . 4.92 20.05 10.36
O1 Q8T FA . 4.11 18.50 8.32
C3 Q8T FA . 3.41 15.55 9.18
C2 Q8T FA . 3.71 14.43 10.15
#